data_1DNM
# 
_entry.id   1DNM 
# 
_audit_conform.dict_name       mmcif_pdbx.dic 
_audit_conform.dict_version    5.385 
_audit_conform.dict_location   http://mmcif.pdb.org/dictionaries/ascii/mmcif_pdbx.dic 
# 
loop_
_database_2.database_id 
_database_2.database_code 
_database_2.pdbx_database_accession 
_database_2.pdbx_DOI 
PDB   1DNM         pdb_00001dnm 10.2210/pdb1dnm/pdb 
RCSB  BDL022       ?            ?                   
WWPDB D_1000172861 ?            ?                   
# 
loop_
_pdbx_audit_revision_history.ordinal 
_pdbx_audit_revision_history.data_content_type 
_pdbx_audit_revision_history.major_revision 
_pdbx_audit_revision_history.minor_revision 
_pdbx_audit_revision_history.revision_date 
1 'Structure model' 1 0 1991-07-15 
2 'Structure model' 1 1 2008-05-22 
3 'Structure model' 1 2 2011-07-13 
4 'Structure model' 1 3 2018-04-18 
5 'Structure model' 1 4 2024-02-07 
# 
_pdbx_audit_revision_details.ordinal             1 
_pdbx_audit_revision_details.revision_ordinal    1 
_pdbx_audit_revision_details.data_content_type   'Structure model' 
_pdbx_audit_revision_details.provider            repository 
_pdbx_audit_revision_details.type                'Initial release' 
_pdbx_audit_revision_details.description         ? 
_pdbx_audit_revision_details.details             ? 
# 
loop_
_pdbx_audit_revision_group.ordinal 
_pdbx_audit_revision_group.revision_ordinal 
_pdbx_audit_revision_group.data_content_type 
_pdbx_audit_revision_group.group 
1 2 'Structure model' 'Version format compliance' 
2 3 'Structure model' 'Version format compliance' 
3 4 'Structure model' 'Data collection'           
4 5 'Structure model' 'Data collection'           
5 5 'Structure model' 'Database references'       
# 
loop_
_pdbx_audit_revision_category.ordinal 
_pdbx_audit_revision_category.revision_ordinal 
_pdbx_audit_revision_category.data_content_type 
_pdbx_audit_revision_category.category 
1 4 'Structure model' diffrn_detector 
2 5 'Structure model' chem_comp_atom  
3 5 'Structure model' chem_comp_bond  
4 5 'Structure model' database_2      
# 
loop_
_pdbx_audit_revision_item.ordinal 
_pdbx_audit_revision_item.revision_ordinal 
_pdbx_audit_revision_item.data_content_type 
_pdbx_audit_revision_item.item 
1 4 'Structure model' '_diffrn_detector.detector'           
2 5 'Structure model' '_database_2.pdbx_DOI'                
3 5 'Structure model' '_database_2.pdbx_database_accession' 
# 
_pdbx_database_status.status_code                     REL 
_pdbx_database_status.entry_id                        1DNM 
_pdbx_database_status.recvd_initial_deposition_date   1990-06-22 
_pdbx_database_status.deposit_site                    BNL 
_pdbx_database_status.process_site                    BNL 
_pdbx_database_status.SG_entry                        . 
_pdbx_database_status.pdb_format_compatible           Y 
_pdbx_database_status.status_code_mr                  ? 
_pdbx_database_status.status_code_sf                  ? 
_pdbx_database_status.status_code_cs                  ? 
_pdbx_database_status.methods_development_category    ? 
_pdbx_database_status.status_code_nmr_data            ? 
# 
loop_
_audit_author.name 
_audit_author.pdbx_ordinal 
'Webster, G.D.'   1 
'Sanderson, M.R.' 2 
'Skelly, J.V.'    3 
'Neidle, S.'      4 
'Swann, P.F.'     5 
'Li, B.F.'        6 
'Tickle, I.J.'    7 
# 
_citation.id                        primary 
_citation.title                     
'Crystal structure and sequence-dependent conformation of the A.G mispaired oligonucleotide d(CGCAAGCTGGCG).' 
_citation.journal_abbrev            Proc.Natl.Acad.Sci.USA 
_citation.journal_volume            87 
_citation.page_first                6693 
_citation.page_last                 6697 
_citation.year                      1990 
_citation.journal_id_ASTM           PNASA6 
_citation.country                   US 
_citation.journal_id_ISSN           0027-8424 
_citation.journal_id_CSD            0040 
_citation.book_publisher            ? 
_citation.pdbx_database_id_PubMed   2395870 
_citation.pdbx_database_id_DOI      10.1073/pnas.87.17.6693 
# 
loop_
_citation_author.citation_id 
_citation_author.name 
_citation_author.ordinal 
_citation_author.identifier_ORCID 
primary 'Webster, G.D.'   1 ? 
primary 'Sanderson, M.R.' 2 ? 
primary 'Skelly, J.V.'    3 ? 
primary 'Neidle, S.'      4 ? 
primary 'Swann, P.F.'     5 ? 
primary 'Li, B.F.'        6 ? 
primary 'Tickle, I.J.'    7 ? 
# 
loop_
_entity.id 
_entity.type 
_entity.src_method 
_entity.pdbx_description 
_entity.formula_weight 
_entity.pdbx_number_of_molecules 
_entity.pdbx_ec 
_entity.pdbx_mutation 
_entity.pdbx_fragment 
_entity.details 
1 polymer syn 
;DNA (5'-D(*CP*GP*CP*AP*AP*GP*CP*TP*GP*GP*CP*G)-3')
;
3688.405 2  ? ? ? ? 
2 water   nat water                                                18.015   47 ? ? ? ? 
# 
_entity_poly.entity_id                      1 
_entity_poly.type                           polydeoxyribonucleotide 
_entity_poly.nstd_linkage                   no 
_entity_poly.nstd_monomer                   no 
_entity_poly.pdbx_seq_one_letter_code       '(DC)(DG)(DC)(DA)(DA)(DG)(DC)(DT)(DG)(DG)(DC)(DG)' 
_entity_poly.pdbx_seq_one_letter_code_can   CGCAAGCTGGCG 
_entity_poly.pdbx_strand_id                 A,B 
_entity_poly.pdbx_target_identifier         ? 
# 
_pdbx_entity_nonpoly.entity_id   2 
_pdbx_entity_nonpoly.name        water 
_pdbx_entity_nonpoly.comp_id     HOH 
# 
loop_
_entity_poly_seq.entity_id 
_entity_poly_seq.num 
_entity_poly_seq.mon_id 
_entity_poly_seq.hetero 
1 1  DC n 
1 2  DG n 
1 3  DC n 
1 4  DA n 
1 5  DA n 
1 6  DG n 
1 7  DC n 
1 8  DT n 
1 9  DG n 
1 10 DG n 
1 11 DC n 
1 12 DG n 
# 
loop_
_chem_comp.id 
_chem_comp.type 
_chem_comp.mon_nstd_flag 
_chem_comp.name 
_chem_comp.pdbx_synonyms 
_chem_comp.formula 
_chem_comp.formula_weight 
DA  'DNA linking' y "2'-DEOXYADENOSINE-5'-MONOPHOSPHATE" ? 'C10 H14 N5 O6 P' 331.222 
DC  'DNA linking' y "2'-DEOXYCYTIDINE-5'-MONOPHOSPHATE"  ? 'C9 H14 N3 O7 P'  307.197 
DG  'DNA linking' y "2'-DEOXYGUANOSINE-5'-MONOPHOSPHATE" ? 'C10 H14 N5 O7 P' 347.221 
DT  'DNA linking' y "THYMIDINE-5'-MONOPHOSPHATE"         ? 'C10 H15 N2 O8 P' 322.208 
HOH non-polymer   . WATER                                ? 'H2 O'            18.015  
# 
loop_
_pdbx_poly_seq_scheme.asym_id 
_pdbx_poly_seq_scheme.entity_id 
_pdbx_poly_seq_scheme.seq_id 
_pdbx_poly_seq_scheme.mon_id 
_pdbx_poly_seq_scheme.ndb_seq_num 
_pdbx_poly_seq_scheme.pdb_seq_num 
_pdbx_poly_seq_scheme.auth_seq_num 
_pdbx_poly_seq_scheme.pdb_mon_id 
_pdbx_poly_seq_scheme.auth_mon_id 
_pdbx_poly_seq_scheme.pdb_strand_id 
_pdbx_poly_seq_scheme.pdb_ins_code 
_pdbx_poly_seq_scheme.hetero 
A 1 1  DC 1  1  1  DC C A . n 
A 1 2  DG 2  2  2  DG G A . n 
A 1 3  DC 3  3  3  DC C A . n 
A 1 4  DA 4  4  4  DA A A . n 
A 1 5  DA 5  5  5  DA A A . n 
A 1 6  DG 6  6  6  DG G A . n 
A 1 7  DC 7  7  7  DC C A . n 
A 1 8  DT 8  8  8  DT T A . n 
A 1 9  DG 9  9  9  DG G A . n 
A 1 10 DG 10 10 10 DG G A . n 
A 1 11 DC 11 11 11 DC C A . n 
A 1 12 DG 12 12 12 DG G A . n 
B 1 1  DC 1  13 13 DC C B . n 
B 1 2  DG 2  14 14 DG G B . n 
B 1 3  DC 3  15 15 DC C B . n 
B 1 4  DA 4  16 16 DA A B . n 
B 1 5  DA 5  17 17 DA A B . n 
B 1 6  DG 6  18 18 DG G B . n 
B 1 7  DC 7  19 19 DC C B . n 
B 1 8  DT 8  20 20 DT T B . n 
B 1 9  DG 9  21 21 DG G B . n 
B 1 10 DG 10 22 22 DG G B . n 
B 1 11 DC 11 23 23 DC C B . n 
B 1 12 DG 12 24 24 DG G B . n 
# 
loop_
_pdbx_nonpoly_scheme.asym_id 
_pdbx_nonpoly_scheme.entity_id 
_pdbx_nonpoly_scheme.mon_id 
_pdbx_nonpoly_scheme.ndb_seq_num 
_pdbx_nonpoly_scheme.pdb_seq_num 
_pdbx_nonpoly_scheme.auth_seq_num 
_pdbx_nonpoly_scheme.pdb_mon_id 
_pdbx_nonpoly_scheme.auth_mon_id 
_pdbx_nonpoly_scheme.pdb_strand_id 
_pdbx_nonpoly_scheme.pdb_ins_code 
C 2 HOH 1  25 25 HOH HOH A . 
C 2 HOH 2  29 29 HOH HOH A . 
C 2 HOH 3  33 33 HOH HOH A . 
C 2 HOH 4  34 34 HOH HOH A . 
C 2 HOH 5  41 41 HOH HOH A . 
C 2 HOH 6  43 43 HOH HOH A . 
C 2 HOH 7  44 44 HOH HOH A . 
C 2 HOH 8  46 46 HOH HOH A . 
C 2 HOH 9  48 48 HOH HOH A . 
C 2 HOH 10 49 49 HOH HOH A . 
C 2 HOH 11 52 52 HOH HOH A . 
C 2 HOH 12 53 53 HOH HOH A . 
C 2 HOH 13 55 55 HOH HOH A . 
C 2 HOH 14 58 58 HOH HOH A . 
C 2 HOH 15 63 63 HOH HOH A . 
C 2 HOH 16 71 71 HOH HOH A . 
D 2 HOH 1  26 26 HOH HOH B . 
D 2 HOH 2  27 27 HOH HOH B . 
D 2 HOH 3  28 28 HOH HOH B . 
D 2 HOH 4  30 30 HOH HOH B . 
D 2 HOH 5  31 31 HOH HOH B . 
D 2 HOH 6  32 32 HOH HOH B . 
D 2 HOH 7  35 35 HOH HOH B . 
D 2 HOH 8  36 36 HOH HOH B . 
D 2 HOH 9  37 37 HOH HOH B . 
D 2 HOH 10 38 38 HOH HOH B . 
D 2 HOH 11 39 39 HOH HOH B . 
D 2 HOH 12 40 40 HOH HOH B . 
D 2 HOH 13 42 42 HOH HOH B . 
D 2 HOH 14 45 45 HOH HOH B . 
D 2 HOH 15 47 47 HOH HOH B . 
D 2 HOH 16 50 50 HOH HOH B . 
D 2 HOH 17 51 51 HOH HOH B . 
D 2 HOH 18 54 54 HOH HOH B . 
D 2 HOH 19 56 56 HOH HOH B . 
D 2 HOH 20 57 57 HOH HOH B . 
D 2 HOH 21 59 59 HOH HOH B . 
D 2 HOH 22 60 60 HOH HOH B . 
D 2 HOH 23 61 61 HOH HOH B . 
D 2 HOH 24 62 62 HOH HOH B . 
D 2 HOH 25 64 64 HOH HOH B . 
D 2 HOH 26 65 65 HOH HOH B . 
D 2 HOH 27 66 66 HOH HOH B . 
D 2 HOH 28 67 67 HOH HOH B . 
D 2 HOH 29 68 68 HOH HOH B . 
D 2 HOH 30 69 69 HOH HOH B . 
D 2 HOH 31 70 70 HOH HOH B . 
# 
_software.name             NUCLSQ 
_software.classification   refinement 
_software.version          . 
_software.citation_id      ? 
_software.pdbx_ordinal     1 
# 
_cell.entry_id           1DNM 
_cell.length_a           25.290 
_cell.length_b           41.780 
_cell.length_c           64.760 
_cell.angle_alpha        90.00 
_cell.angle_beta         90.00 
_cell.angle_gamma        90.00 
_cell.Z_PDB              8 
_cell.pdbx_unique_axis   ? 
# 
_symmetry.entry_id                         1DNM 
_symmetry.space_group_name_H-M             'P 21 21 21' 
_symmetry.pdbx_full_space_group_name_H-M   ? 
_symmetry.cell_setting                     ? 
_symmetry.Int_Tables_number                19 
# 
_exptl.entry_id          1DNM 
_exptl.method            'X-RAY DIFFRACTION' 
_exptl.crystals_number   ? 
# 
_exptl_crystal.id                    1 
_exptl_crystal.density_meas          ? 
_exptl_crystal.density_Matthews      2.32 
_exptl_crystal.density_percent_sol   46.96 
_exptl_crystal.description           ? 
# 
_exptl_crystal_grow.crystal_id      1 
_exptl_crystal_grow.method          'VAPOR DIFFUSION' 
_exptl_crystal_grow.temp            277.00 
_exptl_crystal_grow.temp_details    ? 
_exptl_crystal_grow.pH              7.20 
_exptl_crystal_grow.pdbx_details    'pH 7.20, VAPOR DIFFUSION, temperature 277.00K' 
_exptl_crystal_grow.pdbx_pH_range   ? 
# 
loop_
_exptl_crystal_grow_comp.crystal_id 
_exptl_crystal_grow_comp.id 
_exptl_crystal_grow_comp.sol_id 
_exptl_crystal_grow_comp.name 
_exptl_crystal_grow_comp.volume 
_exptl_crystal_grow_comp.conc 
_exptl_crystal_grow_comp.details 
1 1 1 WATER    ? ? ? 
1 2 1 MPD      ? ? ? 
1 3 1 MGCL2    ? ? ? 
1 4 1 SPERMINE ? ? ? 
1 5 2 WATER    ? ? ? 
1 6 2 MPD      ? ? ? 
# 
_diffrn.id                     1 
_diffrn.ambient_temp           280.00 
_diffrn.ambient_temp_details   ? 
_diffrn.crystal_id             1 
# 
_diffrn_detector.diffrn_id              1 
_diffrn_detector.detector               DIFFRACTOMETER 
_diffrn_detector.type                   'ENRAF-NONIUS FAST' 
_diffrn_detector.pdbx_collection_date   ? 
_diffrn_detector.details                ? 
# 
_diffrn_radiation.diffrn_id                        1 
_diffrn_radiation.wavelength_id                    1 
_diffrn_radiation.pdbx_monochromatic_or_laue_m_l   ? 
_diffrn_radiation.monochromator                    ? 
_diffrn_radiation.pdbx_diffrn_protocol             ? 
_diffrn_radiation.pdbx_scattering_type             x-ray 
# 
_diffrn_radiation_wavelength.id           1 
_diffrn_radiation_wavelength.wavelength   . 
_diffrn_radiation_wavelength.wt           1.0 
# 
_diffrn_source.diffrn_id                   1 
_diffrn_source.source                      'SEALED TUBE' 
_diffrn_source.type                        ? 
_diffrn_source.pdbx_synchrotron_site       ? 
_diffrn_source.pdbx_synchrotron_beamline   ? 
_diffrn_source.pdbx_wavelength             ? 
_diffrn_source.pdbx_wavelength_list        ? 
# 
_reflns.entry_id                     1DNM 
_reflns.observed_criterion_sigma_I   ? 
_reflns.observed_criterion_sigma_F   ? 
_reflns.d_resolution_low             ? 
_reflns.d_resolution_high            2.500 
_reflns.number_obs                   2495 
_reflns.number_all                   9842 
_reflns.percent_possible_obs         ? 
_reflns.pdbx_Rmerge_I_obs            0.1190000 
_reflns.pdbx_Rsym_value              ? 
_reflns.pdbx_netI_over_sigmaI        ? 
_reflns.B_iso_Wilson_estimate        ? 
_reflns.pdbx_redundancy              ? 
_reflns.pdbx_diffrn_id               1 
_reflns.pdbx_ordinal                 1 
# 
_refine.entry_id                                 1DNM 
_refine.ls_number_reflns_obs                     1710 
_refine.ls_number_reflns_all                     ? 
_refine.pdbx_ls_sigma_I                          ? 
_refine.pdbx_ls_sigma_F                          3.000 
_refine.pdbx_data_cutoff_high_absF               ? 
_refine.pdbx_data_cutoff_low_absF                ? 
_refine.pdbx_data_cutoff_high_rms_absF           ? 
_refine.ls_d_res_low                             ? 
_refine.ls_d_res_high                            2.500 
_refine.ls_percent_reflns_obs                    ? 
_refine.ls_R_factor_obs                          0.1930000 
_refine.ls_R_factor_all                          ? 
_refine.ls_R_factor_R_work                       ? 
_refine.ls_R_factor_R_free                       ? 
_refine.ls_R_factor_R_free_error                 ? 
_refine.ls_R_factor_R_free_error_details         ? 
_refine.ls_percent_reflns_R_free                 ? 
_refine.ls_number_reflns_R_free                  ? 
_refine.ls_number_parameters                     ? 
_refine.ls_number_restraints                     ? 
_refine.occupancy_min                            ? 
_refine.occupancy_max                            ? 
_refine.B_iso_mean                               ? 
_refine.aniso_B[1][1]                            ? 
_refine.aniso_B[2][2]                            ? 
_refine.aniso_B[3][3]                            ? 
_refine.aniso_B[1][2]                            ? 
_refine.aniso_B[1][3]                            ? 
_refine.aniso_B[2][3]                            ? 
_refine.solvent_model_details                    ? 
_refine.solvent_model_param_ksol                 ? 
_refine.solvent_model_param_bsol                 ? 
_refine.pdbx_ls_cross_valid_method               ? 
_refine.details                                  ? 
_refine.pdbx_starting_model                      ? 
_refine.pdbx_method_to_determine_struct          ? 
_refine.pdbx_isotropic_thermal_model             ? 
_refine.pdbx_stereochemistry_target_values       ? 
_refine.pdbx_stereochem_target_val_spec_case     ? 
_refine.pdbx_R_Free_selection_details            ? 
_refine.pdbx_overall_ESU_R                       ? 
_refine.pdbx_overall_ESU_R_Free                  ? 
_refine.overall_SU_ML                            ? 
_refine.overall_SU_B                             ? 
_refine.pdbx_refine_id                           'X-RAY DIFFRACTION' 
_refine.pdbx_diffrn_id                           1 
_refine.pdbx_TLS_residual_ADP_flag               ? 
_refine.correlation_coeff_Fo_to_Fc               ? 
_refine.correlation_coeff_Fo_to_Fc_free          ? 
_refine.pdbx_solvent_vdw_probe_radii             ? 
_refine.pdbx_solvent_ion_probe_radii             ? 
_refine.pdbx_solvent_shrinkage_radii             ? 
_refine.pdbx_overall_phase_error                 ? 
_refine.overall_SU_R_Cruickshank_DPI             ? 
_refine.pdbx_overall_SU_R_free_Cruickshank_DPI   ? 
_refine.pdbx_overall_SU_R_Blow_DPI               ? 
_refine.pdbx_overall_SU_R_free_Blow_DPI          ? 
# 
_refine_hist.pdbx_refine_id                   'X-RAY DIFFRACTION' 
_refine_hist.cycle_id                         LAST 
_refine_hist.pdbx_number_atoms_protein        0 
_refine_hist.pdbx_number_atoms_nucleic_acid   490 
_refine_hist.pdbx_number_atoms_ligand         0 
_refine_hist.number_atoms_solvent             47 
_refine_hist.number_atoms_total               537 
_refine_hist.d_res_high                       2.500 
_refine_hist.d_res_low                        . 
# 
_struct.entry_id                  1DNM 
_struct.title                     
'CRYSTAL STRUCTURE AND SEQUENCE-DEPENDENT CONFORMATION OF THE A.G MIS-PAIRED OLIGONUCLEOTIDE D(CGCAAGCTGGCG)' 
_struct.pdbx_model_details        ? 
_struct.pdbx_CASP_flag            ? 
_struct.pdbx_model_type_details   ? 
# 
_struct_keywords.entry_id        1DNM 
_struct_keywords.pdbx_keywords   DNA 
_struct_keywords.text            'B-DNA, DOUBLE HELIX, MISMATCHED, DNA' 
# 
loop_
_struct_asym.id 
_struct_asym.pdbx_blank_PDB_chainid_flag 
_struct_asym.pdbx_modified 
_struct_asym.entity_id 
_struct_asym.details 
A N N 1 ? 
B N N 1 ? 
C N N 2 ? 
D N N 2 ? 
# 
_struct_ref.id                         1 
_struct_ref.entity_id                  1 
_struct_ref.db_name                    PDB 
_struct_ref.db_code                    1DNM 
_struct_ref.pdbx_db_accession          1DNM 
_struct_ref.pdbx_db_isoform            ? 
_struct_ref.pdbx_seq_one_letter_code   ? 
_struct_ref.pdbx_align_begin           ? 
# 
loop_
_struct_ref_seq.align_id 
_struct_ref_seq.ref_id 
_struct_ref_seq.pdbx_PDB_id_code 
_struct_ref_seq.pdbx_strand_id 
_struct_ref_seq.seq_align_beg 
_struct_ref_seq.pdbx_seq_align_beg_ins_code 
_struct_ref_seq.seq_align_end 
_struct_ref_seq.pdbx_seq_align_end_ins_code 
_struct_ref_seq.pdbx_db_accession 
_struct_ref_seq.db_align_beg 
_struct_ref_seq.pdbx_db_align_beg_ins_code 
_struct_ref_seq.db_align_end 
_struct_ref_seq.pdbx_db_align_end_ins_code 
_struct_ref_seq.pdbx_auth_seq_align_beg 
_struct_ref_seq.pdbx_auth_seq_align_end 
1 1 1DNM A 1 ? 12 ? 1DNM 1  ? 12 ? 1  12 
2 1 1DNM B 1 ? 12 ? 1DNM 13 ? 24 ? 13 24 
# 
_pdbx_struct_assembly.id                   1 
_pdbx_struct_assembly.details              author_defined_assembly 
_pdbx_struct_assembly.method_details       ? 
_pdbx_struct_assembly.oligomeric_details   dimeric 
_pdbx_struct_assembly.oligomeric_count     2 
# 
_pdbx_struct_assembly_gen.assembly_id       1 
_pdbx_struct_assembly_gen.oper_expression   1 
_pdbx_struct_assembly_gen.asym_id_list      A,B,C,D 
# 
_pdbx_struct_oper_list.id                   1 
_pdbx_struct_oper_list.type                 'identity operation' 
_pdbx_struct_oper_list.name                 1_555 
_pdbx_struct_oper_list.symmetry_operation   x,y,z 
_pdbx_struct_oper_list.matrix[1][1]         1.0000000000 
_pdbx_struct_oper_list.matrix[1][2]         0.0000000000 
_pdbx_struct_oper_list.matrix[1][3]         0.0000000000 
_pdbx_struct_oper_list.vector[1]            0.0000000000 
_pdbx_struct_oper_list.matrix[2][1]         0.0000000000 
_pdbx_struct_oper_list.matrix[2][2]         1.0000000000 
_pdbx_struct_oper_list.matrix[2][3]         0.0000000000 
_pdbx_struct_oper_list.vector[2]            0.0000000000 
_pdbx_struct_oper_list.matrix[3][1]         0.0000000000 
_pdbx_struct_oper_list.matrix[3][2]         0.0000000000 
_pdbx_struct_oper_list.matrix[3][3]         1.0000000000 
_pdbx_struct_oper_list.vector[3]            0.0000000000 
# 
_struct_biol.id   1 
# 
loop_
_struct_conn.id 
_struct_conn.conn_type_id 
_struct_conn.pdbx_leaving_atom_flag 
_struct_conn.pdbx_PDB_id 
_struct_conn.ptnr1_label_asym_id 
_struct_conn.ptnr1_label_comp_id 
_struct_conn.ptnr1_label_seq_id 
_struct_conn.ptnr1_label_atom_id 
_struct_conn.pdbx_ptnr1_label_alt_id 
_struct_conn.pdbx_ptnr1_PDB_ins_code 
_struct_conn.pdbx_ptnr1_standard_comp_id 
_struct_conn.ptnr1_symmetry 
_struct_conn.ptnr2_label_asym_id 
_struct_conn.ptnr2_label_comp_id 
_struct_conn.ptnr2_label_seq_id 
_struct_conn.ptnr2_label_atom_id 
_struct_conn.pdbx_ptnr2_label_alt_id 
_struct_conn.pdbx_ptnr2_PDB_ins_code 
_struct_conn.ptnr1_auth_asym_id 
_struct_conn.ptnr1_auth_comp_id 
_struct_conn.ptnr1_auth_seq_id 
_struct_conn.ptnr2_auth_asym_id 
_struct_conn.ptnr2_auth_comp_id 
_struct_conn.ptnr2_auth_seq_id 
_struct_conn.ptnr2_symmetry 
_struct_conn.pdbx_ptnr3_label_atom_id 
_struct_conn.pdbx_ptnr3_label_seq_id 
_struct_conn.pdbx_ptnr3_label_comp_id 
_struct_conn.pdbx_ptnr3_label_asym_id 
_struct_conn.pdbx_ptnr3_label_alt_id 
_struct_conn.pdbx_ptnr3_PDB_ins_code 
_struct_conn.details 
_struct_conn.pdbx_dist_value 
_struct_conn.pdbx_value_order 
_struct_conn.pdbx_role 
hydrog1  hydrog ? ? A DC 1  N3 ? ? ? 1_555 B DG 12 N1 ? ? A DC 1  B DG 24 1_555 ? ? ? ? ? ? WATSON-CRICK ? ? ? 
hydrog2  hydrog ? ? A DC 1  N4 ? ? ? 1_555 B DG 12 O6 ? ? A DC 1  B DG 24 1_555 ? ? ? ? ? ? WATSON-CRICK ? ? ? 
hydrog3  hydrog ? ? A DC 1  O2 ? ? ? 1_555 B DG 12 N2 ? ? A DC 1  B DG 24 1_555 ? ? ? ? ? ? WATSON-CRICK ? ? ? 
hydrog4  hydrog ? ? A DG 2  N1 ? ? ? 1_555 B DC 11 N3 ? ? A DG 2  B DC 23 1_555 ? ? ? ? ? ? WATSON-CRICK ? ? ? 
hydrog5  hydrog ? ? A DG 2  N2 ? ? ? 1_555 B DC 11 O2 ? ? A DG 2  B DC 23 1_555 ? ? ? ? ? ? WATSON-CRICK ? ? ? 
hydrog6  hydrog ? ? A DG 2  O6 ? ? ? 1_555 B DC 11 N4 ? ? A DG 2  B DC 23 1_555 ? ? ? ? ? ? WATSON-CRICK ? ? ? 
hydrog7  hydrog ? ? A DC 3  N3 ? ? ? 1_555 B DG 10 N1 ? ? A DC 3  B DG 22 1_555 ? ? ? ? ? ? WATSON-CRICK ? ? ? 
hydrog8  hydrog ? ? A DC 3  N4 ? ? ? 1_555 B DG 10 O6 ? ? A DC 3  B DG 22 1_555 ? ? ? ? ? ? WATSON-CRICK ? ? ? 
hydrog9  hydrog ? ? A DC 3  O2 ? ? ? 1_555 B DG 10 N2 ? ? A DC 3  B DG 22 1_555 ? ? ? ? ? ? WATSON-CRICK ? ? ? 
hydrog10 hydrog ? ? A DA 4  N6 ? ? ? 1_555 B DT 8  O4 ? ? A DA 4  B DT 20 1_555 ? ? ? ? ? ? 'DA-DT PAIR' ? ? ? 
hydrog11 hydrog ? ? A DA 4  N6 ? ? ? 1_555 B DG 9  O6 ? ? A DA 4  B DG 21 1_555 ? ? ? ? ? ? TYPE_9_PAIR  ? ? ? 
hydrog12 hydrog ? ? A DA 4  N7 ? ? ? 1_555 B DG 9  N1 ? ? A DA 4  B DG 21 1_555 ? ? ? ? ? ? TYPE_9_PAIR  ? ? ? 
hydrog13 hydrog ? ? A DA 5  N1 ? ? ? 1_555 B DT 8  N3 ? ? A DA 5  B DT 20 1_555 ? ? ? ? ? ? WATSON-CRICK ? ? ? 
hydrog14 hydrog ? ? A DA 5  N6 ? ? ? 1_555 B DT 8  O4 ? ? A DA 5  B DT 20 1_555 ? ? ? ? ? ? WATSON-CRICK ? ? ? 
hydrog15 hydrog ? ? A DG 6  N1 ? ? ? 1_555 B DC 7  N3 ? ? A DG 6  B DC 19 1_555 ? ? ? ? ? ? WATSON-CRICK ? ? ? 
hydrog16 hydrog ? ? A DG 6  N2 ? ? ? 1_555 B DC 7  O2 ? ? A DG 6  B DC 19 1_555 ? ? ? ? ? ? WATSON-CRICK ? ? ? 
hydrog17 hydrog ? ? A DG 6  O6 ? ? ? 1_555 B DC 7  N4 ? ? A DG 6  B DC 19 1_555 ? ? ? ? ? ? WATSON-CRICK ? ? ? 
hydrog18 hydrog ? ? A DC 7  N3 ? ? ? 1_555 B DG 6  N1 ? ? A DC 7  B DG 18 1_555 ? ? ? ? ? ? WATSON-CRICK ? ? ? 
hydrog19 hydrog ? ? A DC 7  N4 ? ? ? 1_555 B DG 6  O6 ? ? A DC 7  B DG 18 1_555 ? ? ? ? ? ? WATSON-CRICK ? ? ? 
hydrog20 hydrog ? ? A DC 7  O2 ? ? ? 1_555 B DG 6  N2 ? ? A DC 7  B DG 18 1_555 ? ? ? ? ? ? WATSON-CRICK ? ? ? 
hydrog21 hydrog ? ? A DT 8  N3 ? ? ? 1_555 B DA 5  N1 ? ? A DT 8  B DA 17 1_555 ? ? ? ? ? ? WATSON-CRICK ? ? ? 
hydrog22 hydrog ? ? A DT 8  O4 ? ? ? 1_555 B DA 5  N6 ? ? A DT 8  B DA 17 1_555 ? ? ? ? ? ? WATSON-CRICK ? ? ? 
hydrog23 hydrog ? ? A DG 9  O6 ? ? ? 1_555 B DC 3  N4 ? ? A DG 9  B DC 15 1_555 ? ? ? ? ? ? 'DG-DC PAIR' ? ? ? 
hydrog24 hydrog ? ? A DG 9  N1 ? ? ? 1_555 B DA 4  N7 ? ? A DG 9  B DA 16 1_555 ? ? ? ? ? ? TYPE_9_PAIR  ? ? ? 
hydrog25 hydrog ? ? A DG 9  O6 ? ? ? 1_555 B DA 4  N6 ? ? A DG 9  B DA 16 1_555 ? ? ? ? ? ? TYPE_9_PAIR  ? ? ? 
hydrog26 hydrog ? ? A DG 10 N1 ? ? ? 1_555 B DC 3  N3 ? ? A DG 10 B DC 15 1_555 ? ? ? ? ? ? WATSON-CRICK ? ? ? 
hydrog27 hydrog ? ? A DG 10 N2 ? ? ? 1_555 B DC 3  O2 ? ? A DG 10 B DC 15 1_555 ? ? ? ? ? ? WATSON-CRICK ? ? ? 
hydrog28 hydrog ? ? A DG 10 O6 ? ? ? 1_555 B DC 3  N4 ? ? A DG 10 B DC 15 1_555 ? ? ? ? ? ? WATSON-CRICK ? ? ? 
hydrog29 hydrog ? ? A DC 11 N3 ? ? ? 1_555 B DG 2  N1 ? ? A DC 11 B DG 14 1_555 ? ? ? ? ? ? WATSON-CRICK ? ? ? 
hydrog30 hydrog ? ? A DC 11 N4 ? ? ? 1_555 B DG 2  O6 ? ? A DC 11 B DG 14 1_555 ? ? ? ? ? ? WATSON-CRICK ? ? ? 
hydrog31 hydrog ? ? A DC 11 O2 ? ? ? 1_555 B DG 2  N2 ? ? A DC 11 B DG 14 1_555 ? ? ? ? ? ? WATSON-CRICK ? ? ? 
hydrog32 hydrog ? ? A DG 12 N1 ? ? ? 1_555 B DC 1  N3 ? ? A DG 12 B DC 13 1_555 ? ? ? ? ? ? WATSON-CRICK ? ? ? 
hydrog33 hydrog ? ? A DG 12 N2 ? ? ? 1_555 B DC 1  O2 ? ? A DG 12 B DC 13 1_555 ? ? ? ? ? ? WATSON-CRICK ? ? ? 
hydrog34 hydrog ? ? A DG 12 O6 ? ? ? 1_555 B DC 1  N4 ? ? A DG 12 B DC 13 1_555 ? ? ? ? ? ? WATSON-CRICK ? ? ? 
# 
_struct_conn_type.id          hydrog 
_struct_conn_type.criteria    ? 
_struct_conn_type.reference   ? 
# 
loop_
_pdbx_validate_symm_contact.id 
_pdbx_validate_symm_contact.PDB_model_num 
_pdbx_validate_symm_contact.auth_atom_id_1 
_pdbx_validate_symm_contact.auth_asym_id_1 
_pdbx_validate_symm_contact.auth_comp_id_1 
_pdbx_validate_symm_contact.auth_seq_id_1 
_pdbx_validate_symm_contact.PDB_ins_code_1 
_pdbx_validate_symm_contact.label_alt_id_1 
_pdbx_validate_symm_contact.site_symmetry_1 
_pdbx_validate_symm_contact.auth_atom_id_2 
_pdbx_validate_symm_contact.auth_asym_id_2 
_pdbx_validate_symm_contact.auth_comp_id_2 
_pdbx_validate_symm_contact.auth_seq_id_2 
_pdbx_validate_symm_contact.PDB_ins_code_2 
_pdbx_validate_symm_contact.label_alt_id_2 
_pdbx_validate_symm_contact.site_symmetry_2 
_pdbx_validate_symm_contact.dist 
1 1 "C4'" A DG 12 ? ? 1_555 O B HOH 70 ? ? 2_664 1.38 
2 1 "O3'" A DG 2  ? ? 1_555 O B HOH 30 ? ? 2_665 1.66 
3 1 "C3'" A DC 7  ? ? 1_555 O A HOH 71 ? ? 3_645 1.78 
4 1 "O3'" A DC 7  ? ? 1_555 O A HOH 71 ? ? 3_645 2.19 
# 
loop_
_pdbx_validate_rmsd_bond.id 
_pdbx_validate_rmsd_bond.PDB_model_num 
_pdbx_validate_rmsd_bond.auth_atom_id_1 
_pdbx_validate_rmsd_bond.auth_asym_id_1 
_pdbx_validate_rmsd_bond.auth_comp_id_1 
_pdbx_validate_rmsd_bond.auth_seq_id_1 
_pdbx_validate_rmsd_bond.PDB_ins_code_1 
_pdbx_validate_rmsd_bond.label_alt_id_1 
_pdbx_validate_rmsd_bond.auth_atom_id_2 
_pdbx_validate_rmsd_bond.auth_asym_id_2 
_pdbx_validate_rmsd_bond.auth_comp_id_2 
_pdbx_validate_rmsd_bond.auth_seq_id_2 
_pdbx_validate_rmsd_bond.PDB_ins_code_2 
_pdbx_validate_rmsd_bond.label_alt_id_2 
_pdbx_validate_rmsd_bond.bond_value 
_pdbx_validate_rmsd_bond.bond_target_value 
_pdbx_validate_rmsd_bond.bond_deviation 
_pdbx_validate_rmsd_bond.bond_standard_deviation 
_pdbx_validate_rmsd_bond.linker_flag 
1 1 "O3'" A DA 5 ? ? "C3'" A DA 5 ? ? 1.346 1.419 -0.073 0.006 N 
2 1 P     A DT 8 ? ? "O5'" A DT 8 ? ? 1.702 1.593 0.109  0.010 N 
# 
loop_
_pdbx_validate_rmsd_angle.id 
_pdbx_validate_rmsd_angle.PDB_model_num 
_pdbx_validate_rmsd_angle.auth_atom_id_1 
_pdbx_validate_rmsd_angle.auth_asym_id_1 
_pdbx_validate_rmsd_angle.auth_comp_id_1 
_pdbx_validate_rmsd_angle.auth_seq_id_1 
_pdbx_validate_rmsd_angle.PDB_ins_code_1 
_pdbx_validate_rmsd_angle.label_alt_id_1 
_pdbx_validate_rmsd_angle.auth_atom_id_2 
_pdbx_validate_rmsd_angle.auth_asym_id_2 
_pdbx_validate_rmsd_angle.auth_comp_id_2 
_pdbx_validate_rmsd_angle.auth_seq_id_2 
_pdbx_validate_rmsd_angle.PDB_ins_code_2 
_pdbx_validate_rmsd_angle.label_alt_id_2 
_pdbx_validate_rmsd_angle.auth_atom_id_3 
_pdbx_validate_rmsd_angle.auth_asym_id_3 
_pdbx_validate_rmsd_angle.auth_comp_id_3 
_pdbx_validate_rmsd_angle.auth_seq_id_3 
_pdbx_validate_rmsd_angle.PDB_ins_code_3 
_pdbx_validate_rmsd_angle.label_alt_id_3 
_pdbx_validate_rmsd_angle.angle_value 
_pdbx_validate_rmsd_angle.angle_target_value 
_pdbx_validate_rmsd_angle.angle_deviation 
_pdbx_validate_rmsd_angle.angle_standard_deviation 
_pdbx_validate_rmsd_angle.linker_flag 
1  1 "O4'" A DC 1  ? ? "C1'" A DC 1  ? ? N1    A DC 1  ? ? 115.36 108.30 7.06   0.30 N 
2  1 P     A DG 2  ? ? "O5'" A DG 2  ? ? "C5'" A DG 2  ? ? 108.06 120.90 -12.84 1.60 N 
3  1 "O4'" A DG 2  ? ? "C1'" A DG 2  ? ? N9    A DG 2  ? ? 114.83 108.30 6.53   0.30 N 
4  1 C5    A DG 2  ? ? C6    A DG 2  ? ? N1    A DG 2  ? ? 114.62 111.50 3.12   0.50 N 
5  1 "O5'" A DC 3  ? ? P     A DC 3  ? ? OP2   A DC 3  ? ? 118.38 110.70 7.68   1.20 N 
6  1 P     A DC 3  ? ? "O5'" A DC 3  ? ? "C5'" A DC 3  ? ? 107.30 120.90 -13.60 1.60 N 
7  1 "O4'" A DC 3  ? ? "C1'" A DC 3  ? ? N1    A DC 3  ? ? 114.46 108.30 6.16   0.30 N 
8  1 OP1   A DA 4  ? ? P     A DA 4  ? ? OP2   A DA 4  ? ? 106.65 119.60 -12.95 1.50 N 
9  1 "O5'" A DA 4  ? ? P     A DA 4  ? ? OP2   A DA 4  ? ? 121.33 110.70 10.63  1.20 N 
10 1 "O4'" A DA 4  ? ? "C4'" A DA 4  ? ? "C3'" A DA 4  ? ? 102.03 104.50 -2.47  0.40 N 
11 1 "C1'" A DA 4  ? ? "O4'" A DA 4  ? ? "C4'" A DA 4  ? ? 102.96 110.10 -7.14  1.00 N 
12 1 "O4'" A DA 4  ? ? "C1'" A DA 4  ? ? "C2'" A DA 4  ? ? 100.71 105.90 -5.19  0.80 N 
13 1 C6    A DA 4  ? ? N1    A DA 4  ? ? C2    A DA 4  ? ? 122.33 118.60 3.73   0.60 N 
14 1 N1    A DA 4  ? ? C2    A DA 4  ? ? N3    A DA 4  ? ? 126.07 129.30 -3.23  0.50 N 
15 1 "O5'" A DA 5  ? ? "C5'" A DA 5  ? ? "C4'" A DA 5  ? ? 103.22 109.40 -6.18  0.80 N 
16 1 C6    A DA 5  ? ? N1    A DA 5  ? ? C2    A DA 5  ? ? 123.08 118.60 4.48   0.60 N 
17 1 N1    A DA 5  ? ? C2    A DA 5  ? ? N3    A DA 5  ? ? 125.48 129.30 -3.82  0.50 N 
18 1 C5    A DA 5  ? ? C6    A DA 5  ? ? N1    A DA 5  ? ? 114.09 117.70 -3.61  0.50 N 
19 1 "C3'" A DA 5  ? ? "O3'" A DA 5  ? ? P     A DG 6  ? ? 134.01 119.70 14.31  1.20 Y 
20 1 "O4'" A DG 6  ? ? "C4'" A DG 6  ? ? "C3'" A DG 6  ? ? 101.44 104.50 -3.06  0.40 N 
21 1 "C5'" A DG 6  ? ? "C4'" A DG 6  ? ? "C3'" A DG 6  ? ? 123.84 115.70 8.14   1.20 N 
22 1 "C3'" A DG 6  ? ? "C2'" A DG 6  ? ? "C1'" A DG 6  ? ? 96.57  102.40 -5.83  0.80 N 
23 1 N1    A DG 6  ? ? C6    A DG 6  ? ? O6    A DG 6  ? ? 115.99 119.90 -3.91  0.60 N 
24 1 "C1'" A DC 7  ? ? "O4'" A DC 7  ? ? "C4'" A DC 7  ? ? 104.03 110.10 -6.07  1.00 N 
25 1 "O4'" A DC 7  ? ? "C1'" A DC 7  ? ? "C2'" A DC 7  ? ? 100.12 105.90 -5.78  0.80 N 
26 1 "O4'" A DC 7  ? ? "C1'" A DC 7  ? ? N1    A DC 7  ? ? 116.60 108.30 8.30   0.30 N 
27 1 "O3'" A DC 7  ? ? P     A DT 8  ? ? OP1   A DT 8  ? ? 118.90 110.50 8.40   1.10 Y 
28 1 P     A DT 8  ? ? "O5'" A DT 8  ? ? "C5'" A DT 8  ? ? 99.09  120.90 -21.81 1.60 N 
29 1 "C4'" A DT 8  ? ? "C3'" A DT 8  ? ? "C2'" A DT 8  ? ? 97.78  102.20 -4.42  0.70 N 
30 1 "O4'" A DT 8  ? ? "C1'" A DT 8  ? ? N1    A DT 8  ? ? 114.04 108.30 5.74   0.30 N 
31 1 N1    A DT 8  ? ? C2    A DT 8  ? ? N3    A DT 8  ? ? 118.21 114.60 3.61   0.60 N 
32 1 C2    A DT 8  ? ? N3    A DT 8  ? ? C4    A DT 8  ? ? 120.42 127.20 -6.78  0.60 N 
33 1 N3    A DT 8  ? ? C4    A DT 8  ? ? C5    A DT 8  ? ? 120.54 115.20 5.34   0.60 N 
34 1 N1    A DT 8  ? ? C2    A DT 8  ? ? O2    A DT 8  ? ? 117.90 123.10 -5.20  0.80 N 
35 1 "O4'" A DG 9  ? ? "C1'" A DG 9  ? ? N9    A DG 9  ? ? 113.17 108.30 4.87   0.30 N 
36 1 C6    A DG 9  ? ? N1    A DG 9  ? ? C2    A DG 9  ? ? 120.00 125.10 -5.10  0.60 N 
37 1 C5    A DG 9  ? ? C6    A DG 9  ? ? N1    A DG 9  ? ? 115.34 111.50 3.84   0.50 N 
38 1 C5    A DG 9  ? ? C6    A DG 9  ? ? O6    A DG 9  ? ? 124.44 128.60 -4.16  0.60 N 
39 1 P     A DG 10 ? ? "O5'" A DG 10 ? ? "C5'" A DG 10 ? ? 109.95 120.90 -10.95 1.60 N 
40 1 "O4'" A DG 10 ? ? "C1'" A DG 10 ? ? N9    A DG 10 ? ? 112.42 108.30 4.12   0.30 N 
41 1 "C3'" A DG 10 ? ? "O3'" A DG 10 ? ? P     A DC 11 ? ? 127.44 119.70 7.74   1.20 Y 
42 1 "O4'" A DC 11 ? ? "C1'" A DC 11 ? ? N1    A DC 11 ? ? 110.88 108.30 2.58   0.30 N 
43 1 N3    A DC 11 ? ? C4    A DC 11 ? ? C5    A DC 11 ? ? 118.95 121.90 -2.95  0.40 N 
44 1 "C3'" B DC 13 ? ? "O3'" B DC 13 ? ? P     B DG 14 ? ? 129.09 119.70 9.39   1.20 Y 
45 1 OP1   B DG 14 ? ? P     B DG 14 ? ? OP2   B DG 14 ? ? 108.30 119.60 -11.30 1.50 N 
46 1 "O5'" B DG 14 ? ? P     B DG 14 ? ? OP2   B DG 14 ? ? 117.93 110.70 7.23   1.20 N 
47 1 "O4'" B DG 14 ? ? "C4'" B DG 14 ? ? "C3'" B DG 14 ? ? 101.71 104.50 -2.79  0.40 N 
48 1 "O4'" B DG 14 ? ? "C1'" B DG 14 ? ? N9    B DG 14 ? ? 113.82 108.30 5.52   0.30 N 
49 1 "O5'" B DC 15 ? ? "C5'" B DC 15 ? ? "C4'" B DC 15 ? ? 103.93 109.40 -5.47  0.80 N 
50 1 "O4'" B DC 15 ? ? "C4'" B DC 15 ? ? "C3'" B DC 15 ? ? 100.24 104.50 -4.26  0.40 N 
51 1 "C1'" B DC 15 ? ? "O4'" B DC 15 ? ? "C4'" B DC 15 ? ? 102.85 110.10 -7.25  1.00 N 
52 1 "O4'" B DC 15 ? ? "C1'" B DC 15 ? ? N1    B DC 15 ? ? 111.00 108.30 2.70   0.30 N 
53 1 "O5'" B DA 16 ? ? P     B DA 16 ? ? OP2   B DA 16 ? ? 118.81 110.70 8.11   1.20 N 
54 1 "C3'" B DA 16 ? ? "C2'" B DA 16 ? ? "C1'" B DA 16 ? ? 97.51  102.40 -4.89  0.80 N 
55 1 "O4'" B DA 16 ? ? "C1'" B DA 16 ? ? N9    B DA 16 ? ? 111.26 108.30 2.96   0.30 N 
56 1 "C3'" B DA 16 ? ? "O3'" B DA 16 ? ? P     B DA 17 ? ? 141.09 119.70 21.39  1.20 Y 
57 1 "O5'" B DA 17 ? ? "C5'" B DA 17 ? ? "C4'" B DA 17 ? ? 104.37 109.40 -5.03  0.80 N 
58 1 "C3'" B DA 17 ? ? "C2'" B DA 17 ? ? "C1'" B DA 17 ? ? 92.54  102.40 -9.86  0.80 N 
59 1 "O4'" B DA 17 ? ? "C1'" B DA 17 ? ? N9    B DA 17 ? ? 114.35 108.30 6.05   0.30 N 
60 1 "O5'" B DG 18 ? ? P     B DG 18 ? ? OP1   B DG 18 ? ? 98.33  105.70 -7.37  0.90 N 
61 1 "O5'" B DG 18 ? ? P     B DG 18 ? ? OP2   B DG 18 ? ? 119.35 110.70 8.65   1.20 N 
62 1 P     B DG 18 ? ? "O5'" B DG 18 ? ? "C5'" B DG 18 ? ? 102.51 120.90 -18.39 1.60 N 
63 1 "C5'" B DG 18 ? ? "C4'" B DG 18 ? ? "C3'" B DG 18 ? ? 101.07 114.10 -13.03 1.80 N 
64 1 "C3'" B DG 18 ? ? "C2'" B DG 18 ? ? "C1'" B DG 18 ? ? 95.56  102.40 -6.84  0.80 N 
65 1 "O4'" B DG 18 ? ? "C1'" B DG 18 ? ? N9    B DG 18 ? ? 111.36 108.30 3.06   0.30 N 
66 1 P     B DC 19 ? ? "O5'" B DC 19 ? ? "C5'" B DC 19 ? ? 108.44 120.90 -12.46 1.60 N 
67 1 "C3'" B DC 19 ? ? "O3'" B DC 19 ? ? P     B DT 20 ? ? 138.07 119.70 18.37  1.20 Y 
68 1 OP1   B DT 20 ? ? P     B DT 20 ? ? OP2   B DT 20 ? ? 103.56 119.60 -16.04 1.50 N 
69 1 "O5'" B DT 20 ? ? P     B DT 20 ? ? OP2   B DT 20 ? ? 119.58 110.70 8.88   1.20 N 
70 1 P     B DT 20 ? ? "O5'" B DT 20 ? ? "C5'" B DT 20 ? ? 130.60 120.90 9.70   1.60 N 
71 1 "C4'" B DT 20 ? ? "C3'" B DT 20 ? ? "C2'" B DT 20 ? ? 95.98  102.20 -6.22  0.70 N 
72 1 "C3'" B DT 20 ? ? "C2'" B DT 20 ? ? "C1'" B DT 20 ? ? 95.56  102.40 -6.84  0.80 N 
73 1 "O4'" B DT 20 ? ? "C1'" B DT 20 ? ? N1    B DT 20 ? ? 116.57 108.30 8.27   0.30 N 
74 1 C2    B DT 20 ? ? N3    B DT 20 ? ? C4    B DT 20 ? ? 123.59 127.20 -3.61  0.60 N 
75 1 C6    B DG 21 ? ? N1    B DG 21 ? ? C2    B DG 21 ? ? 121.44 125.10 -3.66  0.60 N 
76 1 "C3'" B DG 22 ? ? "C2'" B DG 22 ? ? "C1'" B DG 22 ? ? 97.55  102.40 -4.85  0.80 N 
77 1 "O4'" B DG 22 ? ? "C1'" B DG 22 ? ? N9    B DG 22 ? ? 112.38 108.30 4.08   0.30 N 
78 1 C5    B DG 22 ? ? C6    B DG 22 ? ? N1    B DG 22 ? ? 115.09 111.50 3.59   0.50 N 
79 1 "C3'" B DG 22 ? ? "O3'" B DG 22 ? ? P     B DC 23 ? ? 137.42 119.70 17.72  1.20 Y 
80 1 "O5'" B DC 23 ? ? "C5'" B DC 23 ? ? "C4'" B DC 23 ? ? 104.60 109.40 -4.80  0.80 N 
81 1 "O4'" B DC 23 ? ? "C1'" B DC 23 ? ? N1    B DC 23 ? ? 117.57 108.30 9.27   0.30 N 
82 1 "O3'" B DC 23 ? ? P     B DG 24 ? ? OP2   B DG 24 ? ? 117.53 110.50 7.03   1.10 Y 
83 1 "O4'" B DG 24 ? ? "C1'" B DG 24 ? ? N9    B DG 24 ? ? 111.81 108.30 3.51   0.30 N 
# 
loop_
_refine_B_iso.class 
_refine_B_iso.details 
_refine_B_iso.treatment 
_refine_B_iso.pdbx_refine_id 
'ALL ATOMS'  TR isotropic 'X-RAY DIFFRACTION' 
'ALL WATERS' TR isotropic 'X-RAY DIFFRACTION' 
# 
loop_
_refine_occupancy.class 
_refine_occupancy.treatment 
_refine_occupancy.pdbx_refine_id 
'ALL ATOMS'  fix 'X-RAY DIFFRACTION' 
'ALL WATERS' fix 'X-RAY DIFFRACTION' 
# 
loop_
_chem_comp_atom.comp_id 
_chem_comp_atom.atom_id 
_chem_comp_atom.type_symbol 
_chem_comp_atom.pdbx_aromatic_flag 
_chem_comp_atom.pdbx_stereo_config 
_chem_comp_atom.pdbx_ordinal 
DA  OP3    O N N 1   
DA  P      P N N 2   
DA  OP1    O N N 3   
DA  OP2    O N N 4   
DA  "O5'"  O N N 5   
DA  "C5'"  C N N 6   
DA  "C4'"  C N R 7   
DA  "O4'"  O N N 8   
DA  "C3'"  C N S 9   
DA  "O3'"  O N N 10  
DA  "C2'"  C N N 11  
DA  "C1'"  C N R 12  
DA  N9     N Y N 13  
DA  C8     C Y N 14  
DA  N7     N Y N 15  
DA  C5     C Y N 16  
DA  C6     C Y N 17  
DA  N6     N N N 18  
DA  N1     N Y N 19  
DA  C2     C Y N 20  
DA  N3     N Y N 21  
DA  C4     C Y N 22  
DA  HOP3   H N N 23  
DA  HOP2   H N N 24  
DA  "H5'"  H N N 25  
DA  "H5''" H N N 26  
DA  "H4'"  H N N 27  
DA  "H3'"  H N N 28  
DA  "HO3'" H N N 29  
DA  "H2'"  H N N 30  
DA  "H2''" H N N 31  
DA  "H1'"  H N N 32  
DA  H8     H N N 33  
DA  H61    H N N 34  
DA  H62    H N N 35  
DA  H2     H N N 36  
DC  OP3    O N N 37  
DC  P      P N N 38  
DC  OP1    O N N 39  
DC  OP2    O N N 40  
DC  "O5'"  O N N 41  
DC  "C5'"  C N N 42  
DC  "C4'"  C N R 43  
DC  "O4'"  O N N 44  
DC  "C3'"  C N S 45  
DC  "O3'"  O N N 46  
DC  "C2'"  C N N 47  
DC  "C1'"  C N R 48  
DC  N1     N N N 49  
DC  C2     C N N 50  
DC  O2     O N N 51  
DC  N3     N N N 52  
DC  C4     C N N 53  
DC  N4     N N N 54  
DC  C5     C N N 55  
DC  C6     C N N 56  
DC  HOP3   H N N 57  
DC  HOP2   H N N 58  
DC  "H5'"  H N N 59  
DC  "H5''" H N N 60  
DC  "H4'"  H N N 61  
DC  "H3'"  H N N 62  
DC  "HO3'" H N N 63  
DC  "H2'"  H N N 64  
DC  "H2''" H N N 65  
DC  "H1'"  H N N 66  
DC  H41    H N N 67  
DC  H42    H N N 68  
DC  H5     H N N 69  
DC  H6     H N N 70  
DG  OP3    O N N 71  
DG  P      P N N 72  
DG  OP1    O N N 73  
DG  OP2    O N N 74  
DG  "O5'"  O N N 75  
DG  "C5'"  C N N 76  
DG  "C4'"  C N R 77  
DG  "O4'"  O N N 78  
DG  "C3'"  C N S 79  
DG  "O3'"  O N N 80  
DG  "C2'"  C N N 81  
DG  "C1'"  C N R 82  
DG  N9     N Y N 83  
DG  C8     C Y N 84  
DG  N7     N Y N 85  
DG  C5     C Y N 86  
DG  C6     C N N 87  
DG  O6     O N N 88  
DG  N1     N N N 89  
DG  C2     C N N 90  
DG  N2     N N N 91  
DG  N3     N N N 92  
DG  C4     C Y N 93  
DG  HOP3   H N N 94  
DG  HOP2   H N N 95  
DG  "H5'"  H N N 96  
DG  "H5''" H N N 97  
DG  "H4'"  H N N 98  
DG  "H3'"  H N N 99  
DG  "HO3'" H N N 100 
DG  "H2'"  H N N 101 
DG  "H2''" H N N 102 
DG  "H1'"  H N N 103 
DG  H8     H N N 104 
DG  H1     H N N 105 
DG  H21    H N N 106 
DG  H22    H N N 107 
DT  OP3    O N N 108 
DT  P      P N N 109 
DT  OP1    O N N 110 
DT  OP2    O N N 111 
DT  "O5'"  O N N 112 
DT  "C5'"  C N N 113 
DT  "C4'"  C N R 114 
DT  "O4'"  O N N 115 
DT  "C3'"  C N S 116 
DT  "O3'"  O N N 117 
DT  "C2'"  C N N 118 
DT  "C1'"  C N R 119 
DT  N1     N N N 120 
DT  C2     C N N 121 
DT  O2     O N N 122 
DT  N3     N N N 123 
DT  C4     C N N 124 
DT  O4     O N N 125 
DT  C5     C N N 126 
DT  C7     C N N 127 
DT  C6     C N N 128 
DT  HOP3   H N N 129 
DT  HOP2   H N N 130 
DT  "H5'"  H N N 131 
DT  "H5''" H N N 132 
DT  "H4'"  H N N 133 
DT  "H3'"  H N N 134 
DT  "HO3'" H N N 135 
DT  "H2'"  H N N 136 
DT  "H2''" H N N 137 
DT  "H1'"  H N N 138 
DT  H3     H N N 139 
DT  H71    H N N 140 
DT  H72    H N N 141 
DT  H73    H N N 142 
DT  H6     H N N 143 
HOH O      O N N 144 
HOH H1     H N N 145 
HOH H2     H N N 146 
# 
loop_
_chem_comp_bond.comp_id 
_chem_comp_bond.atom_id_1 
_chem_comp_bond.atom_id_2 
_chem_comp_bond.value_order 
_chem_comp_bond.pdbx_aromatic_flag 
_chem_comp_bond.pdbx_stereo_config 
_chem_comp_bond.pdbx_ordinal 
DA  OP3   P      sing N N 1   
DA  OP3   HOP3   sing N N 2   
DA  P     OP1    doub N N 3   
DA  P     OP2    sing N N 4   
DA  P     "O5'"  sing N N 5   
DA  OP2   HOP2   sing N N 6   
DA  "O5'" "C5'"  sing N N 7   
DA  "C5'" "C4'"  sing N N 8   
DA  "C5'" "H5'"  sing N N 9   
DA  "C5'" "H5''" sing N N 10  
DA  "C4'" "O4'"  sing N N 11  
DA  "C4'" "C3'"  sing N N 12  
DA  "C4'" "H4'"  sing N N 13  
DA  "O4'" "C1'"  sing N N 14  
DA  "C3'" "O3'"  sing N N 15  
DA  "C3'" "C2'"  sing N N 16  
DA  "C3'" "H3'"  sing N N 17  
DA  "O3'" "HO3'" sing N N 18  
DA  "C2'" "C1'"  sing N N 19  
DA  "C2'" "H2'"  sing N N 20  
DA  "C2'" "H2''" sing N N 21  
DA  "C1'" N9     sing N N 22  
DA  "C1'" "H1'"  sing N N 23  
DA  N9    C8     sing Y N 24  
DA  N9    C4     sing Y N 25  
DA  C8    N7     doub Y N 26  
DA  C8    H8     sing N N 27  
DA  N7    C5     sing Y N 28  
DA  C5    C6     sing Y N 29  
DA  C5    C4     doub Y N 30  
DA  C6    N6     sing N N 31  
DA  C6    N1     doub Y N 32  
DA  N6    H61    sing N N 33  
DA  N6    H62    sing N N 34  
DA  N1    C2     sing Y N 35  
DA  C2    N3     doub Y N 36  
DA  C2    H2     sing N N 37  
DA  N3    C4     sing Y N 38  
DC  OP3   P      sing N N 39  
DC  OP3   HOP3   sing N N 40  
DC  P     OP1    doub N N 41  
DC  P     OP2    sing N N 42  
DC  P     "O5'"  sing N N 43  
DC  OP2   HOP2   sing N N 44  
DC  "O5'" "C5'"  sing N N 45  
DC  "C5'" "C4'"  sing N N 46  
DC  "C5'" "H5'"  sing N N 47  
DC  "C5'" "H5''" sing N N 48  
DC  "C4'" "O4'"  sing N N 49  
DC  "C4'" "C3'"  sing N N 50  
DC  "C4'" "H4'"  sing N N 51  
DC  "O4'" "C1'"  sing N N 52  
DC  "C3'" "O3'"  sing N N 53  
DC  "C3'" "C2'"  sing N N 54  
DC  "C3'" "H3'"  sing N N 55  
DC  "O3'" "HO3'" sing N N 56  
DC  "C2'" "C1'"  sing N N 57  
DC  "C2'" "H2'"  sing N N 58  
DC  "C2'" "H2''" sing N N 59  
DC  "C1'" N1     sing N N 60  
DC  "C1'" "H1'"  sing N N 61  
DC  N1    C2     sing N N 62  
DC  N1    C6     sing N N 63  
DC  C2    O2     doub N N 64  
DC  C2    N3     sing N N 65  
DC  N3    C4     doub N N 66  
DC  C4    N4     sing N N 67  
DC  C4    C5     sing N N 68  
DC  N4    H41    sing N N 69  
DC  N4    H42    sing N N 70  
DC  C5    C6     doub N N 71  
DC  C5    H5     sing N N 72  
DC  C6    H6     sing N N 73  
DG  OP3   P      sing N N 74  
DG  OP3   HOP3   sing N N 75  
DG  P     OP1    doub N N 76  
DG  P     OP2    sing N N 77  
DG  P     "O5'"  sing N N 78  
DG  OP2   HOP2   sing N N 79  
DG  "O5'" "C5'"  sing N N 80  
DG  "C5'" "C4'"  sing N N 81  
DG  "C5'" "H5'"  sing N N 82  
DG  "C5'" "H5''" sing N N 83  
DG  "C4'" "O4'"  sing N N 84  
DG  "C4'" "C3'"  sing N N 85  
DG  "C4'" "H4'"  sing N N 86  
DG  "O4'" "C1'"  sing N N 87  
DG  "C3'" "O3'"  sing N N 88  
DG  "C3'" "C2'"  sing N N 89  
DG  "C3'" "H3'"  sing N N 90  
DG  "O3'" "HO3'" sing N N 91  
DG  "C2'" "C1'"  sing N N 92  
DG  "C2'" "H2'"  sing N N 93  
DG  "C2'" "H2''" sing N N 94  
DG  "C1'" N9     sing N N 95  
DG  "C1'" "H1'"  sing N N 96  
DG  N9    C8     sing Y N 97  
DG  N9    C4     sing Y N 98  
DG  C8    N7     doub Y N 99  
DG  C8    H8     sing N N 100 
DG  N7    C5     sing Y N 101 
DG  C5    C6     sing N N 102 
DG  C5    C4     doub Y N 103 
DG  C6    O6     doub N N 104 
DG  C6    N1     sing N N 105 
DG  N1    C2     sing N N 106 
DG  N1    H1     sing N N 107 
DG  C2    N2     sing N N 108 
DG  C2    N3     doub N N 109 
DG  N2    H21    sing N N 110 
DG  N2    H22    sing N N 111 
DG  N3    C4     sing N N 112 
DT  OP3   P      sing N N 113 
DT  OP3   HOP3   sing N N 114 
DT  P     OP1    doub N N 115 
DT  P     OP2    sing N N 116 
DT  P     "O5'"  sing N N 117 
DT  OP2   HOP2   sing N N 118 
DT  "O5'" "C5'"  sing N N 119 
DT  "C5'" "C4'"  sing N N 120 
DT  "C5'" "H5'"  sing N N 121 
DT  "C5'" "H5''" sing N N 122 
DT  "C4'" "O4'"  sing N N 123 
DT  "C4'" "C3'"  sing N N 124 
DT  "C4'" "H4'"  sing N N 125 
DT  "O4'" "C1'"  sing N N 126 
DT  "C3'" "O3'"  sing N N 127 
DT  "C3'" "C2'"  sing N N 128 
DT  "C3'" "H3'"  sing N N 129 
DT  "O3'" "HO3'" sing N N 130 
DT  "C2'" "C1'"  sing N N 131 
DT  "C2'" "H2'"  sing N N 132 
DT  "C2'" "H2''" sing N N 133 
DT  "C1'" N1     sing N N 134 
DT  "C1'" "H1'"  sing N N 135 
DT  N1    C2     sing N N 136 
DT  N1    C6     sing N N 137 
DT  C2    O2     doub N N 138 
DT  C2    N3     sing N N 139 
DT  N3    C4     sing N N 140 
DT  N3    H3     sing N N 141 
DT  C4    O4     doub N N 142 
DT  C4    C5     sing N N 143 
DT  C5    C7     sing N N 144 
DT  C5    C6     doub N N 145 
DT  C7    H71    sing N N 146 
DT  C7    H72    sing N N 147 
DT  C7    H73    sing N N 148 
DT  C6    H6     sing N N 149 
HOH O     H1     sing N N 150 
HOH O     H2     sing N N 151 
# 
loop_
_ndb_struct_conf_na.entry_id 
_ndb_struct_conf_na.feature 
1DNM 'double helix'        
1DNM 'b-form double helix' 
# 
loop_
_ndb_struct_na_base_pair.model_number 
_ndb_struct_na_base_pair.i_label_asym_id 
_ndb_struct_na_base_pair.i_label_comp_id 
_ndb_struct_na_base_pair.i_label_seq_id 
_ndb_struct_na_base_pair.i_symmetry 
_ndb_struct_na_base_pair.j_label_asym_id 
_ndb_struct_na_base_pair.j_label_comp_id 
_ndb_struct_na_base_pair.j_label_seq_id 
_ndb_struct_na_base_pair.j_symmetry 
_ndb_struct_na_base_pair.shear 
_ndb_struct_na_base_pair.stretch 
_ndb_struct_na_base_pair.stagger 
_ndb_struct_na_base_pair.buckle 
_ndb_struct_na_base_pair.propeller 
_ndb_struct_na_base_pair.opening 
_ndb_struct_na_base_pair.pair_number 
_ndb_struct_na_base_pair.pair_name 
_ndb_struct_na_base_pair.i_auth_asym_id 
_ndb_struct_na_base_pair.i_auth_seq_id 
_ndb_struct_na_base_pair.i_PDB_ins_code 
_ndb_struct_na_base_pair.j_auth_asym_id 
_ndb_struct_na_base_pair.j_auth_seq_id 
_ndb_struct_na_base_pair.j_PDB_ins_code 
_ndb_struct_na_base_pair.hbond_type_28 
_ndb_struct_na_base_pair.hbond_type_12 
1 A DC 1  1_555 B DG 12 1_555 -0.063 -0.103 0.333  -8.080  -12.506 -1.439  1  A_DC1:DG24_B  A 1  ? B 24 ? 19 1 
1 A DG 2  1_555 B DC 11 1_555 0.176  -0.102 -0.118 0.986   -22.581 0.442   2  A_DG2:DC23_B  A 2  ? B 23 ? 19 1 
1 A DC 3  1_555 B DG 10 1_555 -0.015 -0.107 0.270  -4.329  0.330   -2.281  3  A_DC3:DG22_B  A 3  ? B 22 ? 19 1 
1 A DA 4  1_555 B DG 9  1_555 -0.187 -4.364 -0.459 12.966  16.067  91.854  4  A_DA4:DG21_B  A 4  ? B 21 ? 9  3 
1 A DA 5  1_555 B DT 8  1_555 -0.178 -0.274 0.672  1.701   -13.714 -3.588  5  A_DA5:DT20_B  A 5  ? B 20 ? 20 1 
1 A DG 6  1_555 B DC 7  1_555 -0.349 -0.202 -0.420 -4.859  -15.890 -0.739  6  A_DG6:DC19_B  A 6  ? B 19 ? 19 1 
1 A DC 7  1_555 B DG 6  1_555 0.161  -0.224 0.409  -0.274  -11.428 -6.451  7  A_DC7:DG18_B  A 7  ? B 18 ? 19 1 
1 A DT 8  1_555 B DA 5  1_555 -0.061 -0.078 0.112  2.736   -9.379  -6.905  8  A_DT8:DA17_B  A 8  ? B 17 ? 20 1 
1 A DG 9  1_555 B DA 4  1_555 0.306  4.247  0.389  -15.967 -2.632  -93.892 9  A_DG9:DA16_B  A 9  ? B 16 ? 9  3 
1 A DG 10 1_555 B DC 3  1_555 0.173  -0.183 0.737  9.745   -20.089 -3.513  10 A_DG10:DC15_B A 10 ? B 15 ? 19 1 
1 A DC 11 1_555 B DG 2  1_555 0.260  -0.200 0.357  0.558   -19.276 -3.604  11 A_DC11:DG14_B A 11 ? B 14 ? 19 1 
1 A DG 12 1_555 B DC 1  1_555 0.005  -0.085 0.599  13.768  11.120  0.855   12 A_DG12:DC13_B A 12 ? B 13 ? 19 1 
# 
loop_
_ndb_struct_na_base_pair_step.model_number 
_ndb_struct_na_base_pair_step.i_label_asym_id_1 
_ndb_struct_na_base_pair_step.i_label_comp_id_1 
_ndb_struct_na_base_pair_step.i_label_seq_id_1 
_ndb_struct_na_base_pair_step.i_symmetry_1 
_ndb_struct_na_base_pair_step.j_label_asym_id_1 
_ndb_struct_na_base_pair_step.j_label_comp_id_1 
_ndb_struct_na_base_pair_step.j_label_seq_id_1 
_ndb_struct_na_base_pair_step.j_symmetry_1 
_ndb_struct_na_base_pair_step.i_label_asym_id_2 
_ndb_struct_na_base_pair_step.i_label_comp_id_2 
_ndb_struct_na_base_pair_step.i_label_seq_id_2 
_ndb_struct_na_base_pair_step.i_symmetry_2 
_ndb_struct_na_base_pair_step.j_label_asym_id_2 
_ndb_struct_na_base_pair_step.j_label_comp_id_2 
_ndb_struct_na_base_pair_step.j_label_seq_id_2 
_ndb_struct_na_base_pair_step.j_symmetry_2 
_ndb_struct_na_base_pair_step.shift 
_ndb_struct_na_base_pair_step.slide 
_ndb_struct_na_base_pair_step.rise 
_ndb_struct_na_base_pair_step.tilt 
_ndb_struct_na_base_pair_step.roll 
_ndb_struct_na_base_pair_step.twist 
_ndb_struct_na_base_pair_step.x_displacement 
_ndb_struct_na_base_pair_step.y_displacement 
_ndb_struct_na_base_pair_step.helical_rise 
_ndb_struct_na_base_pair_step.inclination 
_ndb_struct_na_base_pair_step.tip 
_ndb_struct_na_base_pair_step.helical_twist 
_ndb_struct_na_base_pair_step.step_number 
_ndb_struct_na_base_pair_step.step_name 
_ndb_struct_na_base_pair_step.i_auth_asym_id_1 
_ndb_struct_na_base_pair_step.i_auth_seq_id_1 
_ndb_struct_na_base_pair_step.i_PDB_ins_code_1 
_ndb_struct_na_base_pair_step.j_auth_asym_id_1 
_ndb_struct_na_base_pair_step.j_auth_seq_id_1 
_ndb_struct_na_base_pair_step.j_PDB_ins_code_1 
_ndb_struct_na_base_pair_step.i_auth_asym_id_2 
_ndb_struct_na_base_pair_step.i_auth_seq_id_2 
_ndb_struct_na_base_pair_step.i_PDB_ins_code_2 
_ndb_struct_na_base_pair_step.j_auth_asym_id_2 
_ndb_struct_na_base_pair_step.j_auth_seq_id_2 
_ndb_struct_na_base_pair_step.j_PDB_ins_code_2 
1 A DC 1  1_555 B DG 12 1_555 A DG 2  1_555 B DC 11 1_555 -0.124 0.207  3.213 3.551    4.142    43.417   -0.111  0.501  3.200  
5.572   -4.778  43.742   1  AA_DC1DG2:DC23DG24_BB   A 1  ? B 24 ? A 2  ? B 23 ? 
1 A DG 2  1_555 B DC 11 1_555 A DC 3  1_555 B DG 10 1_555 0.431  0.569  3.580 -1.770   -3.503   34.019   1.563   -1.034 3.479  
-5.963  3.012   34.238   2  AA_DG2DC3:DG22DC23_BB   A 2  ? B 23 ? A 3  ? B 22 ? 
1 A DC 3  1_555 B DG 10 1_555 A DA 4  1_555 B DG 9  1_555 -0.833 -3.496 2.123 -174.189 16.182   -11.607  1.673   -1.243 -0.289 
-8.301  -89.359 -174.965 3  AA_DC3DA4:DG21DG22_BB   A 3  ? B 22 ? A 4  ? B 21 ? 
1 A DA 4  1_555 B DG 9  1_555 A DA 5  1_555 B DT 8  1_555 -2.269 -1.938 0.631 130.940  -117.720 -140.792 1.047   -1.047 0.726  
58.936  65.555  -178.684 4  AA_DA4DA5:DT20DG21_BB   A 4  ? B 21 ? A 5  ? B 20 ? 
1 A DA 5  1_555 B DT 8  1_555 A DG 6  1_555 B DC 7  1_555 -0.204 0.147  3.477 6.941    18.217   30.646   -2.527  1.381  2.992  
30.861  -11.758 36.195   5  AA_DA5DG6:DC19DT20_BB   A 5  ? B 20 ? A 6  ? B 19 ? 
1 A DG 6  1_555 B DC 7  1_555 A DC 7  1_555 B DG 6  1_555 0.054  -0.211 3.248 -8.880   -5.245   33.385   0.441   -1.433 3.129  
-8.871  15.019  34.898   6  AA_DG6DC7:DG18DC19_BB   A 6  ? B 19 ? A 7  ? B 18 ? 
1 A DC 7  1_555 B DG 6  1_555 A DT 8  1_555 B DA 5  1_555 -0.349 0.084  3.324 4.159    7.341    36.791   -0.832  1.086  3.224  
11.446  -6.485  37.713   7  AA_DC7DT8:DA17DG18_BB   A 7  ? B 18 ? A 8  ? B 17 ? 
1 A DT 8  1_555 B DA 5  1_555 A DG 9  1_555 B DA 4  1_555 1.177  -0.019 3.558 -0.610   -5.180   83.811   0.120   -0.896 3.547  
-3.875  0.456   83.943   8  AA_DT8DG9:DA16DA17_BB   A 8  ? B 17 ? A 9  ? B 16 ? 
1 A DG 9  1_555 B DA 4  1_555 A DG 10 1_555 B DC 3  1_555 0.320  1.922  2.954 -3.127   7.083    -13.907  -11.002 -0.633 1.795  
-26.716 -11.795 -15.907  9  AA_DG9DG10:DC15DA16_BB  A 9  ? B 16 ? A 10 ? B 15 ? 
1 A DG 10 1_555 B DC 3  1_555 A DC 11 1_555 B DG 2  1_555 -1.025 0.850  3.694 0.155    -13.046  39.694   2.696   1.457  3.265  
-18.613 -0.221  41.701   10 AA_DG10DC11:DG14DC15_BB A 10 ? B 15 ? A 11 ? B 14 ? 
1 A DC 11 1_555 B DG 2  1_555 A DG 12 1_555 B DC 1  1_555 1.224  -0.006 3.179 -1.789   -1.668   37.917   0.195   -2.100 3.117  
-2.564  2.750   37.993   11 AA_DC11DG12:DC13DG14_BB A 11 ? B 14 ? A 12 ? B 13 ? 
# 
_atom_sites.entry_id                    1DNM 
_atom_sites.fract_transf_matrix[1][1]   0.02342518 
_atom_sites.fract_transf_matrix[1][2]   0.02821478 
_atom_sites.fract_transf_matrix[1][3]   0.01478775 
_atom_sites.fract_transf_matrix[2][1]   0.00989690 
_atom_sites.fract_transf_matrix[2][2]   -0.01598205 
_atom_sites.fract_transf_matrix[2][3]   0.01481586 
_atom_sites.fract_transf_matrix[3][1]   0.01067683 
_atom_sites.fract_transf_matrix[3][2]   -0.00327487 
_atom_sites.fract_transf_matrix[3][3]   -0.01066470 
_atom_sites.fract_transf_vector[1]      0.595103 
_atom_sites.fract_transf_vector[2]      0.528294 
_atom_sites.fract_transf_vector[3]      0.110165 
# 
loop_
_atom_type.symbol 
C 
N 
O 
P 
# 
loop_
_atom_site.group_PDB 
_atom_site.id 
_atom_site.type_symbol 
_atom_site.label_atom_id 
_atom_site.label_alt_id 
_atom_site.label_comp_id 
_atom_site.label_asym_id 
_atom_site.label_entity_id 
_atom_site.label_seq_id 
_atom_site.pdbx_PDB_ins_code 
_atom_site.Cartn_x 
_atom_site.Cartn_y 
_atom_site.Cartn_z 
_atom_site.occupancy 
_atom_site.B_iso_or_equiv 
_atom_site.pdbx_formal_charge 
_atom_site.auth_seq_id 
_atom_site.auth_comp_id 
_atom_site.auth_asym_id 
_atom_site.auth_atom_id 
_atom_site.pdbx_PDB_model_num 
ATOM   1   O "O5'" . DC  A 1 1  ? 21.660  -9.036  -0.787  1.00 10.00 ? 1  DC  A "O5'" 1 
ATOM   2   C "C5'" . DC  A 1 1  ? 20.207  -9.125  -0.912  1.00 10.00 ? 1  DC  A "C5'" 1 
ATOM   3   C "C4'" . DC  A 1 1  ? 19.788  -7.846  -1.601  1.00 10.00 ? 1  DC  A "C4'" 1 
ATOM   4   O "O4'" . DC  A 1 1  ? 19.421  -8.112  -2.946  1.00 10.00 ? 1  DC  A "O4'" 1 
ATOM   5   C "C3'" . DC  A 1 1  ? 18.595  -7.143  -0.957  1.00 10.00 ? 1  DC  A "C3'" 1 
ATOM   6   O "O3'" . DC  A 1 1  ? 18.920  -5.823  -0.494  1.00 10.00 ? 1  DC  A "O3'" 1 
ATOM   7   C "C2'" . DC  A 1 1  ? 17.522  -7.089  -2.039  1.00 10.00 ? 1  DC  A "C2'" 1 
ATOM   8   C "C1'" . DC  A 1 1  ? 18.394  -7.153  -3.284  1.00 10.00 ? 1  DC  A "C1'" 1 
ATOM   9   N N1    . DC  A 1 1  ? 17.531  -7.528  -4.408  1.00 10.00 ? 1  DC  A N1    1 
ATOM   10  C C2    . DC  A 1 1  ? 17.240  -6.550  -5.338  1.00 10.00 ? 1  DC  A C2    1 
ATOM   11  O O2    . DC  A 1 1  ? 17.719  -5.428  -5.184  1.00 10.00 ? 1  DC  A O2    1 
ATOM   12  N N3    . DC  A 1 1  ? 16.404  -6.890  -6.361  1.00 10.00 ? 1  DC  A N3    1 
ATOM   13  C C4    . DC  A 1 1  ? 15.899  -8.154  -6.470  1.00 10.00 ? 1  DC  A C4    1 
ATOM   14  N N4    . DC  A 1 1  ? 15.106  -8.425  -7.509  1.00 10.00 ? 1  DC  A N4    1 
ATOM   15  C C5    . DC  A 1 1  ? 16.183  -9.143  -5.506  1.00 10.00 ? 1  DC  A C5    1 
ATOM   16  C C6    . DC  A 1 1  ? 16.980  -8.774  -4.493  1.00 10.00 ? 1  DC  A C6    1 
ATOM   17  P P     . DG  A 1 2  ? 18.037  -5.199  0.709   1.00 10.00 ? 2  DG  A P     1 
ATOM   18  O OP1   . DG  A 1 2  ? 19.020  -4.762  1.765   1.00 10.00 ? 2  DG  A OP1   1 
ATOM   19  O OP2   . DG  A 1 2  ? 17.119  -6.264  1.091   1.00 10.00 ? 2  DG  A OP2   1 
ATOM   20  O "O5'" . DG  A 1 2  ? 17.367  -3.889  -0.035  1.00 10.00 ? 2  DG  A "O5'" 1 
ATOM   21  C "C5'" . DG  A 1 2  ? 18.367  -3.313  -0.918  1.00 10.00 ? 2  DG  A "C5'" 1 
ATOM   22  C "C4'" . DG  A 1 2  ? 17.844  -2.001  -1.442  1.00 10.00 ? 2  DG  A "C4'" 1 
ATOM   23  O "O4'" . DG  A 1 2  ? 17.232  -2.148  -2.703  1.00 10.00 ? 2  DG  A "O4'" 1 
ATOM   24  C "C3'" . DG  A 1 2  ? 16.774  -1.379  -0.557  1.00 10.00 ? 2  DG  A "C3'" 1 
ATOM   25  O "O3'" . DG  A 1 2  ? 16.908  0.044   -0.596  1.00 10.00 ? 2  DG  A "O3'" 1 
ATOM   26  C "C2'" . DG  A 1 2  ? 15.499  -1.953  -1.140  1.00 10.00 ? 2  DG  A "C2'" 1 
ATOM   27  C "C1'" . DG  A 1 2  ? 15.808  -2.119  -2.619  1.00 10.00 ? 2  DG  A "C1'" 1 
ATOM   28  N N9    . DG  A 1 2  ? 15.133  -3.342  -3.097  1.00 10.00 ? 2  DG  A N9    1 
ATOM   29  C C8    . DG  A 1 2  ? 14.898  -4.479  -2.363  1.00 10.00 ? 2  DG  A C8    1 
ATOM   30  N N7    . DG  A 1 2  ? 14.252  -5.398  -3.038  1.00 10.00 ? 2  DG  A N7    1 
ATOM   31  C C5    . DG  A 1 2  ? 14.056  -4.844  -4.294  1.00 10.00 ? 2  DG  A C5    1 
ATOM   32  C C6    . DG  A 1 2  ? 13.409  -5.348  -5.445  1.00 10.00 ? 2  DG  A C6    1 
ATOM   33  O O6    . DG  A 1 2  ? 12.870  -6.446  -5.600  1.00 10.00 ? 2  DG  A O6    1 
ATOM   34  N N1    . DG  A 1 2  ? 13.383  -4.479  -6.515  1.00 10.00 ? 2  DG  A N1    1 
ATOM   35  C C2    . DG  A 1 2  ? 13.935  -3.243  -6.455  1.00 10.00 ? 2  DG  A C2    1 
ATOM   36  N N2    . DG  A 1 2  ? 13.783  -2.568  -7.602  1.00 10.00 ? 2  DG  A N2    1 
ATOM   37  N N3    . DG  A 1 2  ? 14.555  -2.740  -5.388  1.00 10.00 ? 2  DG  A N3    1 
ATOM   38  C C4    . DG  A 1 2  ? 14.577  -3.576  -4.341  1.00 10.00 ? 2  DG  A C4    1 
ATOM   39  P P     . DC  A 1 3  ? 15.791  1.040   -0.118  1.00 10.00 ? 3  DC  A P     1 
ATOM   40  O OP1   . DC  A 1 3  ? 16.221  2.469   -0.416  1.00 10.00 ? 3  DC  A OP1   1 
ATOM   41  O OP2   . DC  A 1 3  ? 15.555  0.776   1.293   1.00 10.00 ? 3  DC  A OP2   1 
ATOM   42  O "O5'" . DC  A 1 3  ? 14.627  0.687   -1.165  1.00 10.00 ? 3  DC  A "O5'" 1 
ATOM   43  C "C5'" . DC  A 1 3  ? 15.175  0.871   -2.501  1.00 10.00 ? 3  DC  A "C5'" 1 
ATOM   44  C "C4'" . DC  A 1 3  ? 14.217  1.784   -3.225  1.00 10.00 ? 3  DC  A "C4'" 1 
ATOM   45  O "O4'" . DC  A 1 3  ? 13.331  0.967   -3.973  1.00 10.00 ? 3  DC  A "O4'" 1 
ATOM   46  C "C3'" . DC  A 1 3  ? 13.309  2.606   -2.333  1.00 10.00 ? 3  DC  A "C3'" 1 
ATOM   47  O "O3'" . DC  A 1 3  ? 12.594  3.664   -2.961  1.00 10.00 ? 3  DC  A "O3'" 1 
ATOM   48  C "C2'" . DC  A 1 3  ? 12.381  1.477   -1.865  1.00 10.00 ? 3  DC  A "C2'" 1 
ATOM   49  C "C1'" . DC  A 1 3  ? 12.155  0.759   -3.203  1.00 10.00 ? 3  DC  A "C1'" 1 
ATOM   50  N N1    . DC  A 1 3  ? 11.853  -0.651  -2.922  1.00 10.00 ? 3  DC  A N1    1 
ATOM   51  C C2    . DC  A 1 3  ? 11.185  -1.363  -3.906  1.00 10.00 ? 3  DC  A C2    1 
ATOM   52  O O2    . DC  A 1 3  ? 10.923  -0.772  -4.969  1.00 10.00 ? 3  DC  A O2    1 
ATOM   53  N N3    . DC  A 1 3  ? 10.885  -2.674  -3.655  1.00 10.00 ? 3  DC  A N3    1 
ATOM   54  C C4    . DC  A 1 3  ? 11.219  -3.255  -2.466  1.00 10.00 ? 3  DC  A C4    1 
ATOM   55  N N4    . DC  A 1 3  ? 10.903  -4.538  -2.209  1.00 10.00 ? 3  DC  A N4    1 
ATOM   56  C C5    . DC  A 1 3  ? 11.915  -2.524  -1.469  1.00 10.00 ? 3  DC  A C5    1 
ATOM   57  C C6    . DC  A 1 3  ? 12.198  -1.248  -1.745  1.00 10.00 ? 3  DC  A C6    1 
ATOM   58  P P     . DA  A 1 4  ? 11.677  4.633   -2.066  1.00 10.00 ? 4  DA  A P     1 
ATOM   59  O OP1   . DA  A 1 4  ? 12.356  5.945   -1.705  1.00 10.00 ? 4  DA  A OP1   1 
ATOM   60  O OP2   . DA  A 1 4  ? 11.459  3.897   -0.784  1.00 10.00 ? 4  DA  A OP2   1 
ATOM   61  O "O5'" . DA  A 1 4  ? 10.475  4.905   -3.082  1.00 10.00 ? 4  DA  A "O5'" 1 
ATOM   62  C "C5'" . DA  A 1 4  ? 10.703  5.217   -4.478  1.00 10.00 ? 4  DA  A "C5'" 1 
ATOM   63  C "C4'" . DA  A 1 4  ? 9.737   4.380   -5.282  1.00 10.00 ? 4  DA  A "C4'" 1 
ATOM   64  O "O4'" . DA  A 1 4  ? 9.553   3.107   -4.663  1.00 10.00 ? 4  DA  A "O4'" 1 
ATOM   65  C "C3'" . DA  A 1 4  ? 8.304   4.887   -5.399  1.00 10.00 ? 4  DA  A "C3'" 1 
ATOM   66  O "O3'" . DA  A 1 4  ? 8.094   5.664   -6.580  1.00 10.00 ? 4  DA  A "O3'" 1 
ATOM   67  C "C2'" . DA  A 1 4  ? 7.446   3.618   -5.391  1.00 10.00 ? 4  DA  A "C2'" 1 
ATOM   68  C "C1'" . DA  A 1 4  ? 8.456   2.514   -5.447  1.00 10.00 ? 4  DA  A "C1'" 1 
ATOM   69  N N9    . DA  A 1 4  ? 8.115   1.223   -4.857  1.00 10.00 ? 4  DA  A N9    1 
ATOM   70  C C8    . DA  A 1 4  ? 7.734   0.037   -5.437  1.00 10.00 ? 4  DA  A C8    1 
ATOM   71  N N7    . DA  A 1 4  ? 7.572   -0.977  -4.613  1.00 10.00 ? 4  DA  A N7    1 
ATOM   72  C C5    . DA  A 1 4  ? 7.882   -0.401  -3.383  1.00 10.00 ? 4  DA  A C5    1 
ATOM   73  C C6    . DA  A 1 4  ? 7.907   -0.944  -2.074  1.00 10.00 ? 4  DA  A C6    1 
ATOM   74  N N6    . DA  A 1 4  ? 7.602   -2.202  -1.769  1.00 10.00 ? 4  DA  A N6    1 
ATOM   75  N N1    . DA  A 1 4  ? 8.298   -0.072  -1.098  1.00 10.00 ? 4  DA  A N1    1 
ATOM   76  C C2    . DA  A 1 4  ? 8.624   1.221   -1.365  1.00 10.00 ? 4  DA  A C2    1 
ATOM   77  N N3    . DA  A 1 4  ? 8.617   1.798   -2.562  1.00 10.00 ? 4  DA  A N3    1 
ATOM   78  C C4    . DA  A 1 4  ? 8.231   0.929   -3.517  1.00 10.00 ? 4  DA  A C4    1 
ATOM   79  P P     . DA  A 1 5  ? 6.731   6.393   -6.969  1.00 10.00 ? 5  DA  A P     1 
ATOM   80  O OP1   . DA  A 1 5  ? 7.095   7.725   -7.678  1.00 10.00 ? 5  DA  A OP1   1 
ATOM   81  O OP2   . DA  A 1 5  ? 5.914   6.619   -5.801  1.00 10.00 ? 5  DA  A OP2   1 
ATOM   82  O "O5'" . DA  A 1 5  ? 6.103   5.519   -8.134  1.00 10.00 ? 5  DA  A "O5'" 1 
ATOM   83  C "C5'" . DA  A 1 5  ? 4.651   5.451   -8.133  1.00 10.00 ? 5  DA  A "C5'" 1 
ATOM   84  C "C4'" . DA  A 1 5  ? 4.372   3.957   -8.235  1.00 10.00 ? 5  DA  A "C4'" 1 
ATOM   85  O "O4'" . DA  A 1 5  ? 4.966   3.301   -7.139  1.00 10.00 ? 5  DA  A "O4'" 1 
ATOM   86  C "C3'" . DA  A 1 5  ? 2.889   3.615   -8.207  1.00 10.00 ? 5  DA  A "C3'" 1 
ATOM   87  O "O3'" . DA  A 1 5  ? 2.560   3.273   -9.467  1.00 10.00 ? 5  DA  A "O3'" 1 
ATOM   88  C "C2'" . DA  A 1 5  ? 2.790   2.422   -7.275  1.00 10.00 ? 5  DA  A "C2'" 1 
ATOM   89  C "C1'" . DA  A 1 5  ? 4.192   2.125   -6.839  1.00 10.00 ? 5  DA  A "C1'" 1 
ATOM   90  N N9    . DA  A 1 5  ? 4.338   1.890   -5.393  1.00 10.00 ? 5  DA  A N9    1 
ATOM   91  C C8    . DA  A 1 5  ? 4.687   2.829   -4.459  1.00 10.00 ? 5  DA  A C8    1 
ATOM   92  N N7    . DA  A 1 5  ? 4.784   2.359   -3.243  1.00 10.00 ? 5  DA  A N7    1 
ATOM   93  C C5    . DA  A 1 5  ? 4.500   1.008   -3.403  1.00 10.00 ? 5  DA  A C5    1 
ATOM   94  C C6    . DA  A 1 5  ? 4.459   -0.044  -2.465  1.00 10.00 ? 5  DA  A C6    1 
ATOM   95  N N6    . DA  A 1 5  ? 4.685   0.110   -1.161  1.00 10.00 ? 5  DA  A N6    1 
ATOM   96  N N1    . DA  A 1 5  ? 4.134   -1.254  -3.000  1.00 10.00 ? 5  DA  A N1    1 
ATOM   97  C C2    . DA  A 1 5  ? 3.896   -1.440  -4.324  1.00 10.00 ? 5  DA  A C2    1 
ATOM   98  N N3    . DA  A 1 5  ? 3.948   -0.495  -5.257  1.00 10.00 ? 5  DA  A N3    1 
ATOM   99  C C4    . DA  A 1 5  ? 4.231   0.708   -4.715  1.00 10.00 ? 5  DA  A C4    1 
ATOM   100 P P     . DG  A 1 6  ? 1.228   3.502   -10.401 1.00 10.00 ? 6  DG  A P     1 
ATOM   101 O OP1   . DG  A 1 6  ? 1.513   3.245   -11.845 1.00 10.00 ? 6  DG  A OP1   1 
ATOM   102 O OP2   . DG  A 1 6  ? 0.893   4.915   -10.080 1.00 10.00 ? 6  DG  A OP2   1 
ATOM   103 O "O5'" . DG  A 1 6  ? 0.265   2.385   -9.756  1.00 10.00 ? 6  DG  A "O5'" 1 
ATOM   104 C "C5'" . DG  A 1 6  ? 0.982   1.332   -9.052  1.00 10.00 ? 6  DG  A "C5'" 1 
ATOM   105 C "C4'" . DG  A 1 6  ? -0.064  0.288   -8.746  1.00 10.00 ? 6  DG  A "C4'" 1 
ATOM   106 O "O4'" . DG  A 1 6  ? 0.213   -0.154  -7.422  1.00 10.00 ? 6  DG  A "O4'" 1 
ATOM   107 C "C3'" . DG  A 1 6  ? -1.549  0.579   -8.661  1.00 10.00 ? 6  DG  A "C3'" 1 
ATOM   108 O "O3'" . DG  A 1 6  ? -2.329  -0.602  -8.537  1.00 10.00 ? 6  DG  A "O3'" 1 
ATOM   109 C "C2'" . DG  A 1 6  ? -1.534  1.426   -7.379  1.00 10.00 ? 6  DG  A "C2'" 1 
ATOM   110 C "C1'" . DG  A 1 6  ? -0.778  0.431   -6.522  1.00 10.00 ? 6  DG  A "C1'" 1 
ATOM   111 N N9    . DG  A 1 6  ? -0.076  0.979   -5.359  1.00 10.00 ? 6  DG  A N9    1 
ATOM   112 C C8    . DG  A 1 6  ? 0.456   2.212   -5.140  1.00 10.00 ? 6  DG  A C8    1 
ATOM   113 N N7    . DG  A 1 6  ? 1.069   2.321   -3.987  1.00 10.00 ? 6  DG  A N7    1 
ATOM   114 C C5    . DG  A 1 6  ? 0.955   1.056   -3.413  1.00 10.00 ? 6  DG  A C5    1 
ATOM   115 C C6    . DG  A 1 6  ? 1.415   0.529   -2.182  1.00 10.00 ? 6  DG  A C6    1 
ATOM   116 O O6    . DG  A 1 6  ? 2.042   1.084   -1.274  1.00 10.00 ? 6  DG  A O6    1 
ATOM   117 N N1    . DG  A 1 6  ? 1.097   -0.783  -1.975  1.00 10.00 ? 6  DG  A N1    1 
ATOM   118 C C2    . DG  A 1 6  ? 0.392   -1.527  -2.874  1.00 10.00 ? 6  DG  A C2    1 
ATOM   119 N N2    . DG  A 1 6  ? 0.137   -2.789  -2.499  1.00 10.00 ? 6  DG  A N2    1 
ATOM   120 N N3    . DG  A 1 6  ? -0.046  -1.079  -4.049  1.00 10.00 ? 6  DG  A N3    1 
ATOM   121 C C4    . DG  A 1 6  ? 0.264   0.214   -4.250  1.00 10.00 ? 6  DG  A C4    1 
ATOM   122 P P     . DC  A 1 7  ? -3.796  -0.652  -9.183  1.00 10.00 ? 7  DC  A P     1 
ATOM   123 O OP1   . DC  A 1 7  ? -3.877  -1.571  -10.370 1.00 10.00 ? 7  DC  A OP1   1 
ATOM   124 O OP2   . DC  A 1 7  ? -4.113  0.748   -9.526  1.00 10.00 ? 7  DC  A OP2   1 
ATOM   125 O "O5'" . DC  A 1 7  ? -4.550  -1.282  -7.935  1.00 10.00 ? 7  DC  A "O5'" 1 
ATOM   126 C "C5'" . DC  A 1 7  ? -3.906  -2.502  -7.460  1.00 10.00 ? 7  DC  A "C5'" 1 
ATOM   127 C "C4'" . DC  A 1 7  ? -4.083  -2.519  -5.962  1.00 10.00 ? 7  DC  A "C4'" 1 
ATOM   128 O "O4'" . DC  A 1 7  ? -3.196  -1.548  -5.400  1.00 10.00 ? 7  DC  A "O4'" 1 
ATOM   129 C "C3'" . DC  A 1 7  ? -5.467  -2.145  -5.445  1.00 10.00 ? 7  DC  A "C3'" 1 
ATOM   130 O "O3'" . DC  A 1 7  ? -6.070  -3.139  -4.629  1.00 10.00 ? 7  DC  A "O3'" 1 
ATOM   131 C "C2'" . DC  A 1 7  ? -5.226  -0.865  -4.623  1.00 10.00 ? 7  DC  A "C2'" 1 
ATOM   132 C "C1'" . DC  A 1 7  ? -3.817  -1.193  -4.142  1.00 10.00 ? 7  DC  A "C1'" 1 
ATOM   133 N N1    . DC  A 1 7  ? -3.237  -0.060  -3.423  1.00 10.00 ? 7  DC  A N1    1 
ATOM   134 C C2    . DC  A 1 7  ? -2.764  -0.339  -2.150  1.00 10.00 ? 7  DC  A C2    1 
ATOM   135 O O2    . DC  A 1 7  ? -2.874  -1.495  -1.738  1.00 10.00 ? 7  DC  A O2    1 
ATOM   136 N N3    . DC  A 1 7  ? -2.193  0.670   -1.429  1.00 10.00 ? 7  DC  A N3    1 
ATOM   137 C C4    . DC  A 1 7  ? -2.108  1.927   -1.946  1.00 10.00 ? 7  DC  A C4    1 
ATOM   138 N N4    . DC  A 1 7  ? -1.560  2.870   -1.180  1.00 10.00 ? 7  DC  A N4    1 
ATOM   139 C C5    . DC  A 1 7  ? -2.575  2.221   -3.254  1.00 10.00 ? 7  DC  A C5    1 
ATOM   140 C C6    . DC  A 1 7  ? -3.133  1.203   -3.932  1.00 10.00 ? 7  DC  A C6    1 
ATOM   141 P P     . DT  A 1 8  ? -7.156  -4.155  -5.067  1.00 10.00 ? 8  DT  A P     1 
ATOM   142 O OP1   . DT  A 1 8  ? -6.803  -5.196  -6.054  1.00 10.00 ? 8  DT  A OP1   1 
ATOM   143 O OP2   . DT  A 1 8  ? -8.425  -3.396  -5.182  1.00 10.00 ? 8  DT  A OP2   1 
ATOM   144 O "O5'" . DT  A 1 8  ? -7.282  -4.964  -3.575  1.00 10.00 ? 8  DT  A "O5'" 1 
ATOM   145 C "C5'" . DT  A 1 8  ? -7.746  -3.853  -2.748  1.00 10.00 ? 8  DT  A "C5'" 1 
ATOM   146 C "C4'" . DT  A 1 8  ? -7.799  -4.377  -1.348  1.00 10.00 ? 8  DT  A "C4'" 1 
ATOM   147 O "O4'" . DT  A 1 8  ? -6.787  -3.702  -0.607  1.00 10.00 ? 8  DT  A "O4'" 1 
ATOM   148 C "C3'" . DT  A 1 8  ? -9.093  -4.080  -0.615  1.00 10.00 ? 8  DT  A "C3'" 1 
ATOM   149 O "O3'" . DT  A 1 8  ? -9.302  -4.789  0.603   1.00 10.00 ? 8  DT  A "O3'" 1 
ATOM   150 C "C2'" . DT  A 1 8  ? -8.862  -2.585  -0.384  1.00 10.00 ? 8  DT  A "C2'" 1 
ATOM   151 C "C1'" . DT  A 1 8  ? -7.407  -2.623  0.081   1.00 10.00 ? 8  DT  A "C1'" 1 
ATOM   152 N N1    . DT  A 1 8  ? -6.825  -1.312  -0.216  1.00 10.00 ? 8  DT  A N1    1 
ATOM   153 C C2    . DT  A 1 8  ? -6.024  -0.794  0.793   1.00 10.00 ? 8  DT  A C2    1 
ATOM   154 O O2    . DT  A 1 8  ? -5.838  -1.486  1.791   1.00 10.00 ? 8  DT  A O2    1 
ATOM   155 N N3    . DT  A 1 8  ? -5.471  0.449   0.609   1.00 10.00 ? 8  DT  A N3    1 
ATOM   156 C C4    . DT  A 1 8  ? -5.738  1.161   -0.516  1.00 10.00 ? 8  DT  A C4    1 
ATOM   157 O O4    . DT  A 1 8  ? -5.207  2.299   -0.615  1.00 10.00 ? 8  DT  A O4    1 
ATOM   158 C C5    . DT  A 1 8  ? -6.594  0.626   -1.527  1.00 10.00 ? 8  DT  A C5    1 
ATOM   159 C C7    . DT  A 1 8  ? -6.903  1.430   -2.768  1.00 10.00 ? 8  DT  A C7    1 
ATOM   160 C C6    . DT  A 1 8  ? -7.110  -0.590  -1.333  1.00 10.00 ? 8  DT  A C6    1 
ATOM   161 P P     . DG  A 1 9  ? -10.548 -5.738  0.790   1.00 10.00 ? 9  DG  A P     1 
ATOM   162 O OP1   . DG  A 1 9  ? -10.219 -7.012  0.040   1.00 10.00 ? 9  DG  A OP1   1 
ATOM   163 O OP2   . DG  A 1 9  ? -11.702 -4.985  0.248   1.00 10.00 ? 9  DG  A OP2   1 
ATOM   164 O "O5'" . DG  A 1 9  ? -10.595 -6.026  2.380   1.00 10.00 ? 9  DG  A "O5'" 1 
ATOM   165 C "C5'" . DG  A 1 9  ? -9.352  -6.584  2.905   1.00 10.00 ? 9  DG  A "C5'" 1 
ATOM   166 C "C4'" . DG  A 1 9  ? -9.173  -6.061  4.321   1.00 10.00 ? 9  DG  A "C4'" 1 
ATOM   167 O "O4'" . DG  A 1 9  ? -8.442  -4.850  4.268   1.00 10.00 ? 9  DG  A "O4'" 1 
ATOM   168 C "C3'" . DG  A 1 9  ? -10.473 -5.779  5.069   1.00 10.00 ? 9  DG  A "C3'" 1 
ATOM   169 O "O3'" . DG  A 1 9  ? -10.478 -6.355  6.378   1.00 10.00 ? 9  DG  A "O3'" 1 
ATOM   170 C "C2'" . DG  A 1 9  ? -10.579 -4.260  5.098   1.00 10.00 ? 9  DG  A "C2'" 1 
ATOM   171 C "C1'" . DG  A 1 9  ? -9.154  -3.773  4.874   1.00 10.00 ? 9  DG  A "C1'" 1 
ATOM   172 N N9    . DG  A 1 9  ? -9.228  -2.576  4.021   1.00 10.00 ? 9  DG  A N9    1 
ATOM   173 C C8    . DG  A 1 9  ? -9.991  -2.463  2.883   1.00 10.00 ? 9  DG  A C8    1 
ATOM   174 N N7    . DG  A 1 9  ? -9.914  -1.293  2.320   1.00 10.00 ? 9  DG  A N7    1 
ATOM   175 C C5    . DG  A 1 9  ? -9.035  -0.586  3.143   1.00 10.00 ? 9  DG  A C5    1 
ATOM   176 C C6    . DG  A 1 9  ? -8.537  0.746   3.045   1.00 10.00 ? 9  DG  A C6    1 
ATOM   177 O O6    . DG  A 1 9  ? -8.833  1.535   2.151   1.00 10.00 ? 9  DG  A O6    1 
ATOM   178 N N1    . DG  A 1 9  ? -7.669  1.124   4.041   1.00 10.00 ? 9  DG  A N1    1 
ATOM   179 C C2    . DG  A 1 9  ? -7.330  0.235   5.029   1.00 10.00 ? 9  DG  A C2    1 
ATOM   180 N N2    . DG  A 1 9  ? -6.477  0.703   5.955   1.00 10.00 ? 9  DG  A N2    1 
ATOM   181 N N3    . DG  A 1 9  ? -7.758  -1.021  5.156   1.00 10.00 ? 9  DG  A N3    1 
ATOM   182 C C4    . DG  A 1 9  ? -8.610  -1.367  4.183   1.00 10.00 ? 9  DG  A C4    1 
ATOM   183 P P     . DG  A 1 10 ? -11.317 -5.674  7.541   1.00 10.00 ? 10 DG  A P     1 
ATOM   184 O OP1   . DG  A 1 10 ? -10.988 -6.297  8.895   1.00 10.00 ? 10 DG  A OP1   1 
ATOM   185 O OP2   . DG  A 1 10 ? -12.739 -5.694  7.155   1.00 10.00 ? 10 DG  A OP2   1 
ATOM   186 O "O5'" . DG  A 1 10 ? -10.797 -4.120  7.554   1.00 10.00 ? 10 DG  A "O5'" 1 
ATOM   187 C "C5'" . DG  A 1 10 ? -9.425  -4.082  7.765   1.00 10.00 ? 10 DG  A "C5'" 1 
ATOM   188 C "C4'" . DG  A 1 10 ? -9.139  -3.046  8.820   1.00 10.00 ? 10 DG  A "C4'" 1 
ATOM   189 O "O4'" . DG  A 1 10 ? -9.070  -1.753  8.239   1.00 10.00 ? 10 DG  A "O4'" 1 
ATOM   190 C "C3'" . DG  A 1 10 ? -10.245 -2.906  9.865   1.00 10.00 ? 10 DG  A "C3'" 1 
ATOM   191 O "O3'" . DG  A 1 10 ? -9.827  -2.183  11.008  1.00 10.00 ? 10 DG  A "O3'" 1 
ATOM   192 C "C2'" . DG  A 1 10 ? -11.281 -2.169  9.023   1.00 10.00 ? 10 DG  A "C2'" 1 
ATOM   193 C "C1'" . DG  A 1 10 ? -10.374 -1.135  8.386   1.00 10.00 ? 10 DG  A "C1'" 1 
ATOM   194 N N9    . DG  A 1 10 ? -10.921 -0.671  7.104   1.00 10.00 ? 10 DG  A N9    1 
ATOM   195 C C8    . DG  A 1 10 ? -11.843 -1.218  6.246   1.00 10.00 ? 10 DG  A C8    1 
ATOM   196 N N7    . DG  A 1 10 ? -12.098 -0.493  5.187   1.00 10.00 ? 10 DG  A N7    1 
ATOM   197 C C5    . DG  A 1 10 ? -11.303 0.644   5.371   1.00 10.00 ? 10 DG  A C5    1 
ATOM   198 C C6    . DG  A 1 10 ? -11.106 1.803   4.585   1.00 10.00 ? 10 DG  A C6    1 
ATOM   199 O O6    . DG  A 1 10 ? -11.634 2.079   3.493   1.00 10.00 ? 10 DG  A O6    1 
ATOM   200 N N1    . DG  A 1 10 ? -10.213 2.686   5.123   1.00 10.00 ? 10 DG  A N1    1 
ATOM   201 C C2    . DG  A 1 10 ? -9.542  2.490   6.267   1.00 10.00 ? 10 DG  A C2    1 
ATOM   202 N N2    . DG  A 1 10 ? -8.715  3.471   6.643   1.00 10.00 ? 10 DG  A N2    1 
ATOM   203 N N3    . DG  A 1 10 ? -9.678  1.417   7.042   1.00 10.00 ? 10 DG  A N3    1 
ATOM   204 C C4    . DG  A 1 10 ? -10.569 0.542   6.531   1.00 10.00 ? 10 DG  A C4    1 
ATOM   205 P P     . DC  A 1 11 ? -10.646 -1.925  12.332  1.00 10.00 ? 11 DC  A P     1 
ATOM   206 O OP1   . DC  A 1 11 ? -10.124 -2.953  13.338  1.00 10.00 ? 11 DC  A OP1   1 
ATOM   207 O OP2   . DC  A 1 11 ? -12.070 -2.101  11.925  1.00 10.00 ? 11 DC  A OP2   1 
ATOM   208 O "O5'" . DC  A 1 11 ? -10.209 -0.447  12.831  1.00 10.00 ? 11 DC  A "O5'" 1 
ATOM   209 C "C5'" . DC  A 1 11 ? -8.833  -0.369  13.237  1.00 10.00 ? 11 DC  A "C5'" 1 
ATOM   210 C "C4'" . DC  A 1 11 ? -8.312  1.027   13.039  1.00 10.00 ? 11 DC  A "C4'" 1 
ATOM   211 O "O4'" . DC  A 1 11 ? -8.680  1.539   11.772  1.00 10.00 ? 11 DC  A "O4'" 1 
ATOM   212 C "C3'" . DC  A 1 11 ? -8.841  2.049   14.043  1.00 10.00 ? 11 DC  A "C3'" 1 
ATOM   213 O "O3'" . DC  A 1 11 ? -7.937  3.132   14.230  1.00 10.00 ? 11 DC  A "O3'" 1 
ATOM   214 C "C2'" . DC  A 1 11 ? -10.138 2.484   13.380  1.00 10.00 ? 11 DC  A "C2'" 1 
ATOM   215 C "C1'" . DC  A 1 11 ? -9.651  2.602   11.946  1.00 10.00 ? 11 DC  A "C1'" 1 
ATOM   216 N N1    . DC  A 1 11 ? -10.770 2.439   11.027  1.00 10.00 ? 11 DC  A N1    1 
ATOM   217 C C2    . DC  A 1 11 ? -10.874 3.329   9.992   1.00 10.00 ? 11 DC  A C2    1 
ATOM   218 O O2    . DC  A 1 11 ? -10.088 4.266   9.862   1.00 10.00 ? 11 DC  A O2    1 
ATOM   219 N N3    . DC  A 1 11 ? -11.898 3.186   9.096   1.00 10.00 ? 11 DC  A N3    1 
ATOM   220 C C4    . DC  A 1 11 ? -12.791 2.158   9.192   1.00 10.00 ? 11 DC  A C4    1 
ATOM   221 N N4    . DC  A 1 11 ? -13.797 2.008   8.326   1.00 10.00 ? 11 DC  A N4    1 
ATOM   222 C C5    . DC  A 1 11 ? -12.646 1.216   10.245  1.00 10.00 ? 11 DC  A C5    1 
ATOM   223 C C6    . DC  A 1 11 ? -11.647 1.398   11.124  1.00 10.00 ? 11 DC  A C6    1 
ATOM   224 P P     . DG  A 1 12 ? -7.934  4.044   15.529  1.00 10.00 ? 12 DG  A P     1 
ATOM   225 O OP1   . DG  A 1 12 ? -6.536  4.056   16.091  1.00 10.00 ? 12 DG  A OP1   1 
ATOM   226 O OP2   . DG  A 1 12 ? -8.949  3.435   16.453  1.00 10.00 ? 12 DG  A OP2   1 
ATOM   227 O "O5'" . DG  A 1 12 ? -8.426  5.467   14.955  1.00 10.00 ? 12 DG  A "O5'" 1 
ATOM   228 C "C5'" . DG  A 1 12 ? -9.518  5.479   13.990  1.00 10.00 ? 12 DG  A "C5'" 1 
ATOM   229 C "C4'" . DG  A 1 12 ? -9.703  6.926   13.596  1.00 10.00 ? 12 DG  A "C4'" 1 
ATOM   230 O "O4'" . DG  A 1 12 ? -10.584 7.066   12.501  1.00 10.00 ? 12 DG  A "O4'" 1 
ATOM   231 C "C3'" . DG  A 1 12 ? -10.339 7.789   14.682  1.00 10.00 ? 12 DG  A "C3'" 1 
ATOM   232 O "O3'" . DG  A 1 12 ? -9.986  9.161   14.529  1.00 10.00 ? 12 DG  A "O3'" 1 
ATOM   233 C "C2'" . DG  A 1 12 ? -11.818 7.488   14.494  1.00 10.00 ? 12 DG  A "C2'" 1 
ATOM   234 C "C1'" . DG  A 1 12 ? -11.932 7.284   13.008  1.00 10.00 ? 12 DG  A "C1'" 1 
ATOM   235 N N9    . DG  A 1 12 ? -12.777 6.137   12.617  1.00 10.00 ? 12 DG  A N9    1 
ATOM   236 C C8    . DG  A 1 12 ? -12.971 4.922   13.218  1.00 10.00 ? 12 DG  A C8    1 
ATOM   237 N N7    . DG  A 1 12 ? -13.773 4.122   12.567  1.00 10.00 ? 12 DG  A N7    1 
ATOM   238 C C5    . DG  A 1 12 ? -14.118 4.858   11.432  1.00 10.00 ? 12 DG  A C5    1 
ATOM   239 C C6    . DG  A 1 12 ? -14.946 4.545   10.324  1.00 10.00 ? 12 DG  A C6    1 
ATOM   240 O O6    . DG  A 1 12 ? -15.574 3.498   10.120  1.00 10.00 ? 12 DG  A O6    1 
ATOM   241 N N1    . DG  A 1 12 ? -15.028 5.543   9.383   1.00 10.00 ? 12 DG  A N1    1 
ATOM   242 C C2    . DG  A 1 12 ? -14.369 6.723   9.502   1.00 10.00 ? 12 DG  A C2    1 
ATOM   243 N N2    . DG  A 1 12 ? -14.542 7.590   8.499   1.00 10.00 ? 12 DG  A N2    1 
ATOM   244 N N3    . DG  A 1 12 ? -13.589 7.066   10.525  1.00 10.00 ? 12 DG  A N3    1 
ATOM   245 C C4    . DG  A 1 12 ? -13.514 6.085   11.454  1.00 10.00 ? 12 DG  A C4    1 
ATOM   246 O "O5'" . DC  B 1 1  ? -21.352 8.338   2.962   1.00 10.00 ? 13 DC  B "O5'" 1 
ATOM   247 C "C5'" . DC  B 1 1  ? -20.341 8.388   1.915   1.00 10.00 ? 13 DC  B "C5'" 1 
ATOM   248 C "C4'" . DC  B 1 1  ? -19.024 8.463   2.648   1.00 10.00 ? 13 DC  B "C4'" 1 
ATOM   249 O "O4'" . DC  B 1 1  ? -19.062 7.625   3.795   1.00 10.00 ? 13 DC  B "O4'" 1 
ATOM   250 C "C3'" . DC  B 1 1  ? -17.817 8.000   1.822   1.00 10.00 ? 13 DC  B "C3'" 1 
ATOM   251 O "O3'" . DC  B 1 1  ? -17.105 9.134   1.334   1.00 10.00 ? 13 DC  B "O3'" 1 
ATOM   252 C "C2'" . DC  B 1 1  ? -17.027 7.115   2.782   1.00 10.00 ? 13 DC  B "C2'" 1 
ATOM   253 C "C1'" . DC  B 1 1  ? -17.668 7.331   4.119   1.00 10.00 ? 13 DC  B "C1'" 1 
ATOM   254 N N1    . DC  B 1 1  ? -17.612 6.195   5.049   1.00 10.00 ? 13 DC  B N1    1 
ATOM   255 C C2    . DC  B 1 1  ? -16.592 6.211   5.999   1.00 10.00 ? 13 DC  B C2    1 
ATOM   256 O O2    . DC  B 1 1  ? -15.757 7.109   5.978   1.00 10.00 ? 13 DC  B O2    1 
ATOM   257 N N3    . DC  B 1 1  ? -16.543 5.210   6.918   1.00 10.00 ? 13 DC  B N3    1 
ATOM   258 C C4    . DC  B 1 1  ? -17.473 4.212   6.922   1.00 10.00 ? 13 DC  B C4    1 
ATOM   259 N N4    . DC  B 1 1  ? -17.349 3.267   7.852   1.00 10.00 ? 13 DC  B N4    1 
ATOM   260 C C5    . DC  B 1 1  ? -18.522 4.211   5.975   1.00 10.00 ? 13 DC  B C5    1 
ATOM   261 C C6    . DC  B 1 1  ? -18.566 5.215   5.089   1.00 10.00 ? 13 DC  B C6    1 
ATOM   262 P P     . DG  B 1 2  ? -15.946 9.202   0.223   1.00 10.00 ? 14 DG  B P     1 
ATOM   263 O OP1   . DG  B 1 2  ? -16.299 10.020  -0.982  1.00 10.00 ? 14 DG  B OP1   1 
ATOM   264 O OP2   . DG  B 1 2  ? -15.740 7.770   -0.218  1.00 10.00 ? 14 DG  B OP2   1 
ATOM   265 O "O5'" . DG  B 1 2  ? -14.737 9.934   1.002   1.00 10.00 ? 14 DG  B "O5'" 1 
ATOM   266 C "C5'" . DG  B 1 2  ? -14.862 10.383  2.352   1.00 10.00 ? 14 DG  B "C5'" 1 
ATOM   267 C "C4'" . DG  B 1 2  ? -13.570 10.891  2.928   1.00 10.00 ? 14 DG  B "C4'" 1 
ATOM   268 O "O4'" . DG  B 1 2  ? -13.240 10.087  4.066   1.00 10.00 ? 14 DG  B "O4'" 1 
ATOM   269 C "C3'" . DG  B 1 2  ? -12.298 10.802  2.109   1.00 10.00 ? 14 DG  B "C3'" 1 
ATOM   270 O "O3'" . DG  B 1 2  ? -11.265 11.651  2.620   1.00 10.00 ? 14 DG  B "O3'" 1 
ATOM   271 C "C2'" . DG  B 1 2  ? -11.981 9.316   2.245   1.00 10.00 ? 14 DG  B "C2'" 1 
ATOM   272 C "C1'" . DG  B 1 2  ? -12.234 9.121   3.749   1.00 10.00 ? 14 DG  B "C1'" 1 
ATOM   273 N N9    . DG  B 1 2  ? -12.637 7.739   4.013   1.00 10.00 ? 14 DG  B N9    1 
ATOM   274 C C8    . DG  B 1 2  ? -13.414 6.943   3.207   1.00 10.00 ? 14 DG  B C8    1 
ATOM   275 N N7    . DG  B 1 2  ? -13.623 5.742   3.706   1.00 10.00 ? 14 DG  B N7    1 
ATOM   276 C C5    . DG  B 1 2  ? -12.937 5.743   4.916   1.00 10.00 ? 14 DG  B C5    1 
ATOM   277 C C6    . DG  B 1 2  ? -12.745 4.735   5.879   1.00 10.00 ? 14 DG  B C6    1 
ATOM   278 O O6    . DG  B 1 2  ? -13.201 3.582   5.907   1.00 10.00 ? 14 DG  B O6    1 
ATOM   279 N N1    . DG  B 1 2  ? -11.982 5.116   6.955   1.00 10.00 ? 14 DG  B N1    1 
ATOM   280 C C2    . DG  B 1 2  ? -11.422 6.354   7.052   1.00 10.00 ? 14 DG  B C2    1 
ATOM   281 N N2    . DG  B 1 2  ? -10.699 6.560   8.163   1.00 10.00 ? 14 DG  B N2    1 
ATOM   282 N N3    . DG  B 1 2  ? -11.538 7.313   6.154   1.00 10.00 ? 14 DG  B N3    1 
ATOM   283 C C4    . DG  B 1 2  ? -12.315 6.958   5.109   1.00 10.00 ? 14 DG  B C4    1 
ATOM   284 P P     . DC  B 1 3  ? -10.076 12.235  1.746   1.00 10.00 ? 15 DC  B P     1 
ATOM   285 O OP1   . DC  B 1 3  ? -10.252 13.744  1.688   1.00 10.00 ? 15 DC  B OP1   1 
ATOM   286 O OP2   . DC  B 1 3  ? -10.066 11.500  0.433   1.00 10.00 ? 15 DC  B OP2   1 
ATOM   287 O "O5'" . DC  B 1 3  ? -8.711  11.915  2.488   1.00 10.00 ? 15 DC  B "O5'" 1 
ATOM   288 C "C5'" . DC  B 1 3  ? -8.615  12.144  3.911   1.00 10.00 ? 15 DC  B "C5'" 1 
ATOM   289 C "C4'" . DC  B 1 3  ? -8.281  10.784  4.477   1.00 10.00 ? 15 DC  B "C4'" 1 
ATOM   290 O "O4'" . DC  B 1 3  ? -9.068  9.758   3.901   1.00 10.00 ? 15 DC  B "O4'" 1 
ATOM   291 C "C3'" . DC  B 1 3  ? -6.876  10.275  4.135   1.00 10.00 ? 15 DC  B "C3'" 1 
ATOM   292 O "O3'" . DC  B 1 3  ? -5.900  10.975  4.907   1.00 10.00 ? 15 DC  B "O3'" 1 
ATOM   293 C "C2'" . DC  B 1 3  ? -6.984  8.793   4.444   1.00 10.00 ? 15 DC  B "C2'" 1 
ATOM   294 C "C1'" . DC  B 1 3  ? -8.475  8.547   4.453   1.00 10.00 ? 15 DC  B "C1'" 1 
ATOM   295 N N1    . DC  B 1 3  ? -8.889  7.363   3.689   1.00 10.00 ? 15 DC  B N1    1 
ATOM   296 C C2    . DC  B 1 3  ? -8.986  6.179   4.387   1.00 10.00 ? 15 DC  B C2    1 
ATOM   297 O O2    . DC  B 1 3  ? -8.675  6.137   5.584   1.00 10.00 ? 15 DC  B O2    1 
ATOM   298 N N3    . DC  B 1 3  ? -9.424  5.077   3.706   1.00 10.00 ? 15 DC  B N3    1 
ATOM   299 C C4    . DC  B 1 3  ? -9.783  5.132   2.392   1.00 10.00 ? 15 DC  B C4    1 
ATOM   300 N N4    . DC  B 1 3  ? -10.188 3.983   1.842   1.00 10.00 ? 15 DC  B N4    1 
ATOM   301 C C5    . DC  B 1 3  ? -9.716  6.355   1.689   1.00 10.00 ? 15 DC  B C5    1 
ATOM   302 C C6    . DC  B 1 3  ? -9.286  7.420   2.383   1.00 10.00 ? 15 DC  B C6    1 
ATOM   303 P P     . DA  B 1 4  ? -4.441  11.088  4.251   1.00 10.00 ? 16 DA  B P     1 
ATOM   304 O OP1   . DA  B 1 4  ? -3.935  12.468  4.146   1.00 10.00 ? 16 DA  B OP1   1 
ATOM   305 O OP2   . DA  B 1 4  ? -4.689  10.496  2.920   1.00 10.00 ? 16 DA  B OP2   1 
ATOM   306 O "O5'" . DA  B 1 4  ? -3.638  10.213  5.361   1.00 10.00 ? 16 DA  B "O5'" 1 
ATOM   307 C "C5'" . DA  B 1 4  ? -4.525  9.543   6.292   1.00 10.00 ? 16 DA  B "C5'" 1 
ATOM   308 C "C4'" . DA  B 1 4  ? -3.778  8.449   7.001   1.00 10.00 ? 16 DA  B "C4'" 1 
ATOM   309 O "O4'" . DA  B 1 4  ? -4.510  7.220   6.907   1.00 10.00 ? 16 DA  B "O4'" 1 
ATOM   310 C "C3'" . DA  B 1 4  ? -2.400  8.074   6.460   1.00 10.00 ? 16 DA  B "C3'" 1 
ATOM   311 O "O3'" . DA  B 1 4  ? -1.632  7.430   7.465   1.00 10.00 ? 16 DA  B "O3'" 1 
ATOM   312 C "C2'" . DA  B 1 4  ? -2.860  7.201   5.283   1.00 10.00 ? 16 DA  B "C2'" 1 
ATOM   313 C "C1'" . DA  B 1 4  ? -3.783  6.279   6.068   1.00 10.00 ? 16 DA  B "C1'" 1 
ATOM   314 N N9    . DA  B 1 4  ? -4.699  5.462   5.271   1.00 10.00 ? 16 DA  B N9    1 
ATOM   315 C C8    . DA  B 1 4  ? -5.341  4.292   5.653   1.00 10.00 ? 16 DA  B C8    1 
ATOM   316 N N7    . DA  B 1 4  ? -6.133  3.749   4.746   1.00 10.00 ? 16 DA  B N7    1 
ATOM   317 C C5    . DA  B 1 4  ? -5.999  4.655   3.691   1.00 10.00 ? 16 DA  B C5    1 
ATOM   318 C C6    . DA  B 1 4  ? -6.602  4.667   2.419   1.00 10.00 ? 16 DA  B C6    1 
ATOM   319 N N6    . DA  B 1 4  ? -7.438  3.737   2.008   1.00 10.00 ? 16 DA  B N6    1 
ATOM   320 N N1    . DA  B 1 4  ? -6.246  5.712   1.600   1.00 10.00 ? 16 DA  B N1    1 
ATOM   321 C C2    . DA  B 1 4  ? -5.393  6.681   2.035   1.00 10.00 ? 16 DA  B C2    1 
ATOM   322 N N3    . DA  B 1 4  ? -4.810  6.744   3.238   1.00 10.00 ? 16 DA  B N3    1 
ATOM   323 C C4    . DA  B 1 4  ? -5.147  5.695   4.000   1.00 10.00 ? 16 DA  B C4    1 
ATOM   324 P P     . DA  B 1 5  ? -0.149  7.184   7.890   1.00 10.00 ? 17 DA  B P     1 
ATOM   325 O OP1   . DA  B 1 5  ? 0.270   8.163   8.957   1.00 10.00 ? 17 DA  B OP1   1 
ATOM   326 O OP2   . DA  B 1 5  ? 0.718   7.264   6.634   1.00 10.00 ? 17 DA  B OP2   1 
ATOM   327 O "O5'" . DA  B 1 5  ? -0.037  5.730   8.542   1.00 10.00 ? 17 DA  B "O5'" 1 
ATOM   328 C "C5'" . DA  B 1 5  ? -1.168  5.303   9.342   1.00 10.00 ? 17 DA  B "C5'" 1 
ATOM   329 C "C4'" . DA  B 1 5  ? -1.348  3.845   8.990   1.00 10.00 ? 17 DA  B "C4'" 1 
ATOM   330 O "O4'" . DA  B 1 5  ? -2.101  3.716   7.789   1.00 10.00 ? 17 DA  B "O4'" 1 
ATOM   331 C "C3'" . DA  B 1 5  ? -0.055  3.114   8.682   1.00 10.00 ? 17 DA  B "C3'" 1 
ATOM   332 O "O3'" . DA  B 1 5  ? -0.168  1.704   8.748   1.00 10.00 ? 17 DA  B "O3'" 1 
ATOM   333 C "C2'" . DA  B 1 5  ? 0.144   3.574   7.229   1.00 10.00 ? 17 DA  B "C2'" 1 
ATOM   334 C "C1'" . DA  B 1 5  ? -1.246  3.085   6.813   1.00 10.00 ? 17 DA  B "C1'" 1 
ATOM   335 N N9    . DA  B 1 5  ? -1.553  3.431   5.434   1.00 10.00 ? 17 DA  B N9    1 
ATOM   336 C C8    . DA  B 1 5  ? -1.170  4.517   4.696   1.00 10.00 ? 17 DA  B C8    1 
ATOM   337 N N7    . DA  B 1 5  ? -1.623  4.510   3.466   1.00 10.00 ? 17 DA  B N7    1 
ATOM   338 C C5    . DA  B 1 5  ? -2.384  3.342   3.410   1.00 10.00 ? 17 DA  B C5    1 
ATOM   339 C C6    . DA  B 1 5  ? -3.140  2.768   2.371   1.00 10.00 ? 17 DA  B C6    1 
ATOM   340 N N6    . DA  B 1 5  ? -3.251  3.304   1.167   1.00 10.00 ? 17 DA  B N6    1 
ATOM   341 N N1    . DA  B 1 5  ? -3.756  1.581   2.642   1.00 10.00 ? 17 DA  B N1    1 
ATOM   342 C C2    . DA  B 1 5  ? -3.645  1.009   3.876   1.00 10.00 ? 17 DA  B C2    1 
ATOM   343 N N3    . DA  B 1 5  ? -2.958  1.497   4.920   1.00 10.00 ? 17 DA  B N3    1 
ATOM   344 C C4    . DA  B 1 5  ? -2.338  2.662   4.603   1.00 10.00 ? 17 DA  B C4    1 
ATOM   345 P P     . DG  B 1 6  ? 0.620   0.904   9.923   1.00 10.00 ? 18 DG  B P     1 
ATOM   346 O OP1   . DG  B 1 6  ? -0.072  1.031   11.198  1.00 10.00 ? 18 DG  B OP1   1 
ATOM   347 O OP2   . DG  B 1 6  ? 1.977   1.453   9.724   1.00 10.00 ? 18 DG  B OP2   1 
ATOM   348 O "O5'" . DG  B 1 6  ? 0.358   -0.668  9.670   1.00 10.00 ? 18 DG  B "O5'" 1 
ATOM   349 C "C5'" . DG  B 1 6  ? -0.547  -0.658  8.513   1.00 10.00 ? 18 DG  B "C5'" 1 
ATOM   350 C "C4'" . DG  B 1 6  ? -0.799  -1.864  7.758   1.00 10.00 ? 18 DG  B "C4'" 1 
ATOM   351 O "O4'" . DG  B 1 6  ? -0.989  -1.407  6.434   1.00 10.00 ? 18 DG  B "O4'" 1 
ATOM   352 C "C3'" . DG  B 1 6  ? 0.589   -2.493  7.738   1.00 10.00 ? 18 DG  B "C3'" 1 
ATOM   353 O "O3'" . DG  B 1 6  ? 0.593   -3.791  7.165   1.00 10.00 ? 18 DG  B "O3'" 1 
ATOM   354 C "C2'" . DG  B 1 6  ? 1.311   -1.456  6.875   1.00 10.00 ? 18 DG  B "C2'" 1 
ATOM   355 C "C1'" . DG  B 1 6  ? 0.289   -1.468  5.744   1.00 10.00 ? 18 DG  B "C1'" 1 
ATOM   356 N N9    . DG  B 1 6  ? 0.437   -0.364  4.804   1.00 10.00 ? 18 DG  B N9    1 
ATOM   357 C C8    . DG  B 1 6  ? 1.074   0.847   4.894   1.00 10.00 ? 18 DG  B C8    1 
ATOM   358 N N7    . DG  B 1 6  ? 0.967   1.593   3.814   1.00 10.00 ? 18 DG  B N7    1 
ATOM   359 C C5    . DG  B 1 6  ? 0.208   0.797   2.954   1.00 10.00 ? 18 DG  B C5    1 
ATOM   360 C C6    . DG  B 1 6  ? -0.249  1.039   1.636   1.00 10.00 ? 18 DG  B C6    1 
ATOM   361 O O6    . DG  B 1 6  ? -0.057  2.045   0.963   1.00 10.00 ? 18 DG  B O6    1 
ATOM   362 N N1    . DG  B 1 6  ? -0.983  0.017   1.102   1.00 10.00 ? 18 DG  B N1    1 
ATOM   363 C C2    . DG  B 1 6  ? -1.271  -1.121  1.787   1.00 10.00 ? 18 DG  B C2    1 
ATOM   364 N N2    . DG  B 1 6  ? -2.011  -1.989  1.084   1.00 10.00 ? 18 DG  B N2    1 
ATOM   365 N N3    . DG  B 1 6  ? -0.860  -1.395  3.023   1.00 10.00 ? 18 DG  B N3    1 
ATOM   366 C C4    . DG  B 1 6  ? -0.136  -0.392  3.543   1.00 10.00 ? 18 DG  B C4    1 
ATOM   367 P P     . DC  B 1 7  ? 1.896   -4.703  7.530   1.00 10.00 ? 19 DC  B P     1 
ATOM   368 O OP1   . DC  B 1 7  ? 1.330   -5.796  8.378   1.00 10.00 ? 19 DC  B OP1   1 
ATOM   369 O OP2   . DC  B 1 7  ? 2.803   -3.713  8.088   1.00 10.00 ? 19 DC  B OP2   1 
ATOM   370 O "O5'" . DC  B 1 7  ? 2.290   -5.291  6.060   1.00 10.00 ? 19 DC  B "O5'" 1 
ATOM   371 C "C5'" . DC  B 1 7  ? 1.369   -6.375  5.735   1.00 10.00 ? 19 DC  B "C5'" 1 
ATOM   372 C "C4'" . DC  B 1 7  ? 1.076   -6.291  4.253   1.00 10.00 ? 19 DC  B "C4'" 1 
ATOM   373 O "O4'" . DC  B 1 7  ? 1.049   -4.948  3.851   1.00 10.00 ? 19 DC  B "O4'" 1 
ATOM   374 C "C3'" . DC  B 1 7  ? 2.143   -6.960  3.379   1.00 10.00 ? 19 DC  B "C3'" 1 
ATOM   375 O "O3'" . DC  B 1 7  ? 1.791   -8.325  3.174   1.00 10.00 ? 19 DC  B "O3'" 1 
ATOM   376 C "C2'" . DC  B 1 7  ? 2.198   -6.079  2.132   1.00 10.00 ? 19 DC  B "C2'" 1 
ATOM   377 C "C1'" . DC  B 1 7  ? 1.289   -4.917  2.421   1.00 10.00 ? 19 DC  B "C1'" 1 
ATOM   378 N N1    . DC  B 1 7  ? 1.863   -3.603  2.077   1.00 10.00 ? 19 DC  B N1    1 
ATOM   379 C C2    . DC  B 1 7  ? 1.319   -2.940  1.010   1.00 10.00 ? 19 DC  B C2    1 
ATOM   380 O O2    . DC  B 1 7  ? 0.422   -3.424  0.326   1.00 10.00 ? 19 DC  B O2    1 
ATOM   381 N N3    . DC  B 1 7  ? 1.828   -1.716  0.674   1.00 10.00 ? 19 DC  B N3    1 
ATOM   382 C C4    . DC  B 1 7  ? 2.822   -1.132  1.396   1.00 10.00 ? 19 DC  B C4    1 
ATOM   383 N N4    . DC  B 1 7  ? 3.324   0.062   1.073   1.00 10.00 ? 19 DC  B N4    1 
ATOM   384 C C5    . DC  B 1 7  ? 3.380   -1.823  2.506   1.00 10.00 ? 19 DC  B C5    1 
ATOM   385 C C6    . DC  B 1 7  ? 2.861   -3.020  2.803   1.00 10.00 ? 19 DC  B C6    1 
ATOM   386 P P     . DT  B 1 8  ? 2.138   -9.477  2.178   1.00 10.00 ? 20 DT  B P     1 
ATOM   387 O OP1   . DT  B 1 8  ? 1.875   -10.843 2.839   1.00 10.00 ? 20 DT  B OP1   1 
ATOM   388 O OP2   . DT  B 1 8  ? 3.623   -9.459  1.990   1.00 10.00 ? 20 DT  B OP2   1 
ATOM   389 O "O5'" . DT  B 1 8  ? 1.205   -9.260  0.951   1.00 10.00 ? 20 DT  B "O5'" 1 
ATOM   390 C "C5'" . DT  B 1 8  ? 0.797   -8.044  0.282   1.00 10.00 ? 20 DT  B "C5'" 1 
ATOM   391 C "C4'" . DT  B 1 8  ? 1.391   -8.128  -1.104  1.00 10.00 ? 20 DT  B "C4'" 1 
ATOM   392 O "O4'" . DT  B 1 8  ? 1.885   -6.870  -1.549  1.00 10.00 ? 20 DT  B "O4'" 1 
ATOM   393 C "C3'" . DT  B 1 8  ? 2.609   -9.029  -1.135  1.00 10.00 ? 20 DT  B "C3'" 1 
ATOM   394 O "O3'" . DT  B 1 8  ? 3.107   -9.395  -2.409  1.00 10.00 ? 20 DT  B "O3'" 1 
ATOM   395 C "C2'" . DT  B 1 8  ? 3.557   -8.040  -0.424  1.00 10.00 ? 20 DT  B "C2'" 1 
ATOM   396 C "C1'" . DT  B 1 8  ? 3.327   -6.882  -1.404  1.00 10.00 ? 20 DT  B "C1'" 1 
ATOM   397 N N1    . DT  B 1 8  ? 3.944   -5.659  -0.881  1.00 10.00 ? 20 DT  B N1    1 
ATOM   398 C C2    . DT  B 1 8  ? 4.016   -4.572  -1.743  1.00 10.00 ? 20 DT  B C2    1 
ATOM   399 O O2    . DT  B 1 8  ? 3.562   -4.629  -2.883  1.00 10.00 ? 20 DT  B O2    1 
ATOM   400 N N3    . DT  B 1 8  ? 4.596   -3.438  -1.257  1.00 10.00 ? 20 DT  B N3    1 
ATOM   401 C C4    . DT  B 1 8  ? 5.104   -3.332  -0.004  1.00 10.00 ? 20 DT  B C4    1 
ATOM   402 O O4    . DT  B 1 8  ? 5.615   -2.219  0.336   1.00 10.00 ? 20 DT  B O4    1 
ATOM   403 C C5    . DT  B 1 8  ? 5.037   -4.458  0.858   1.00 10.00 ? 20 DT  B C5    1 
ATOM   404 C C7    . DT  B 1 8  ? 5.593   -4.358  2.255   1.00 10.00 ? 20 DT  B C7    1 
ATOM   405 C C6    . DT  B 1 8  ? 4.462   -5.565  0.378   1.00 10.00 ? 20 DT  B C6    1 
ATOM   406 P P     . DG  B 1 9  ? 2.634   -10.701 -3.204  1.00 10.00 ? 21 DG  B P     1 
ATOM   407 O OP1   . DG  B 1 9  ? 1.135   -10.642 -3.288  1.00 10.00 ? 21 DG  B OP1   1 
ATOM   408 O OP2   . DG  B 1 9  ? 3.171   -11.842 -2.466  1.00 10.00 ? 21 DG  B OP2   1 
ATOM   409 O "O5'" . DG  B 1 9  ? 3.318   -10.481 -4.660  1.00 10.00 ? 21 DG  B "O5'" 1 
ATOM   410 C "C5'" . DG  B 1 9  ? 2.409   -10.638 -5.775  1.00 10.00 ? 21 DG  B "C5'" 1 
ATOM   411 C "C4'" . DG  B 1 9  ? 2.853   -9.695  -6.876  1.00 10.00 ? 21 DG  B "C4'" 1 
ATOM   412 O "O4'" . DG  B 1 9  ? 3.302   -8.475  -6.332  1.00 10.00 ? 21 DG  B "O4'" 1 
ATOM   413 C "C3'" . DG  B 1 9  ? 3.997   -10.222 -7.744  1.00 10.00 ? 21 DG  B "C3'" 1 
ATOM   414 O "O3'" . DG  B 1 9  ? 3.663   -10.085 -9.133  1.00 10.00 ? 21 DG  B "O3'" 1 
ATOM   415 C "C2'" . DG  B 1 9  ? 5.197   -9.404  -7.310  1.00 10.00 ? 21 DG  B "C2'" 1 
ATOM   416 C "C1'" . DG  B 1 9  ? 4.603   -8.111  -6.829  1.00 10.00 ? 21 DG  B "C1'" 1 
ATOM   417 N N9    . DG  B 1 9  ? 5.339   -7.501  -5.717  1.00 10.00 ? 21 DG  B N9    1 
ATOM   418 C C8    . DG  B 1 9  ? 5.792   -8.159  -4.611  1.00 10.00 ? 21 DG  B C8    1 
ATOM   419 N N7    . DG  B 1 9  ? 6.392   -7.387  -3.741  1.00 10.00 ? 21 DG  B N7    1 
ATOM   420 C C5    . DG  B 1 9  ? 6.316   -6.124  -4.318  1.00 10.00 ? 21 DG  B C5    1 
ATOM   421 C C6    . DG  B 1 9  ? 6.781   -4.870  -3.843  1.00 10.00 ? 21 DG  B C6    1 
ATOM   422 O O6    . DG  B 1 9  ? 7.375   -4.671  -2.776  1.00 10.00 ? 21 DG  B O6    1 
ATOM   423 N N1    . DG  B 1 9  ? 6.533   -3.822  -4.686  1.00 10.00 ? 21 DG  B N1    1 
ATOM   424 C C2    . DG  B 1 9  ? 5.872   -3.999  -5.866  1.00 10.00 ? 21 DG  B C2    1 
ATOM   425 N N2    . DG  B 1 9  ? 5.705   -2.877  -6.583  1.00 10.00 ? 21 DG  B N2    1 
ATOM   426 N N3    . DG  B 1 9  ? 5.398   -5.148  -6.343  1.00 10.00 ? 21 DG  B N3    1 
ATOM   427 C C4    . DG  B 1 9  ? 5.655   -6.179  -5.516  1.00 10.00 ? 21 DG  B C4    1 
ATOM   428 P P     . DG  B 1 10 ? 4.864   -10.272 -10.199 1.00 10.00 ? 22 DG  B P     1 
ATOM   429 O OP1   . DG  B 1 10 ? 4.362   -10.571 -11.556 1.00 10.00 ? 22 DG  B OP1   1 
ATOM   430 O OP2   . DG  B 1 10 ? 5.623   -11.380 -9.484  1.00 10.00 ? 22 DG  B OP2   1 
ATOM   431 O "O5'" . DG  B 1 10 ? 5.505   -8.812  -10.193 1.00 10.00 ? 22 DG  B "O5'" 1 
ATOM   432 C "C5'" . DG  B 1 10 ? 4.691   -7.766  -10.795 1.00 10.00 ? 22 DG  B "C5'" 1 
ATOM   433 C "C4'" . DG  B 1 10 ? 5.634   -6.642  -11.143 1.00 10.00 ? 22 DG  B "C4'" 1 
ATOM   434 O "O4'" . DG  B 1 10 ? 6.199   -6.081  -9.971  1.00 10.00 ? 22 DG  B "O4'" 1 
ATOM   435 C "C3'" . DG  B 1 10 ? 6.833   -7.079  -11.984 1.00 10.00 ? 22 DG  B "C3'" 1 
ATOM   436 O "O3'" . DG  B 1 10 ? 7.357   -6.019  -12.750 1.00 10.00 ? 22 DG  B "O3'" 1 
ATOM   437 C "C2'" . DG  B 1 10 ? 7.759   -7.587  -10.854 1.00 10.00 ? 22 DG  B "C2'" 1 
ATOM   438 C "C1'" . DG  B 1 10 ? 7.620   -6.386  -9.927  1.00 10.00 ? 22 DG  B "C1'" 1 
ATOM   439 N N9    . DG  B 1 10 ? 8.092   -6.648  -8.568  1.00 10.00 ? 22 DG  B N9    1 
ATOM   440 C C8    . DG  B 1 10 ? 8.059   -7.833  -7.872  1.00 10.00 ? 22 DG  B C8    1 
ATOM   441 N N7    . DG  B 1 10 ? 8.537   -7.745  -6.660  1.00 10.00 ? 22 DG  B N7    1 
ATOM   442 C C5    . DG  B 1 10 ? 8.925   -6.413  -6.541  1.00 10.00 ? 22 DG  B C5    1 
ATOM   443 C C6    . DG  B 1 10 ? 9.516   -5.704  -5.463  1.00 10.00 ? 22 DG  B C6    1 
ATOM   444 O O6    . DG  B 1 10 ? 9.818   -6.144  -4.351  1.00 10.00 ? 22 DG  B O6    1 
ATOM   445 N N1    . DG  B 1 10 ? 9.763   -4.382  -5.705  1.00 10.00 ? 22 DG  B N1    1 
ATOM   446 C C2    . DG  B 1 10 ? 9.467   -3.805  -6.911  1.00 10.00 ? 22 DG  B C2    1 
ATOM   447 N N2    . DG  B 1 10 ? 9.783   -2.506  -6.984  1.00 10.00 ? 22 DG  B N2    1 
ATOM   448 N N3    . DG  B 1 10 ? 8.908   -4.420  -7.957  1.00 10.00 ? 22 DG  B N3    1 
ATOM   449 C C4    . DG  B 1 10 ? 8.658   -5.724  -7.704  1.00 10.00 ? 22 DG  B C4    1 
ATOM   450 P P     . DC  B 1 11 ? 7.720   -5.751  -14.242 1.00 10.00 ? 23 DC  B P     1 
ATOM   451 O OP1   . DC  B 1 11 ? 6.689   -6.322  -15.203 1.00 10.00 ? 23 DC  B OP1   1 
ATOM   452 O OP2   . DC  B 1 11 ? 9.092   -6.329  -14.473 1.00 10.00 ? 23 DC  B OP2   1 
ATOM   453 O "O5'" . DC  B 1 11 ? 7.739   -4.150  -14.377 1.00 10.00 ? 23 DC  B "O5'" 1 
ATOM   454 C "C5'" . DC  B 1 11 ? 7.463   -3.325  -13.201 1.00 10.00 ? 23 DC  B "C5'" 1 
ATOM   455 C "C4'" . DC  B 1 11 ? 8.698   -2.449  -13.048 1.00 10.00 ? 23 DC  B "C4'" 1 
ATOM   456 O "O4'" . DC  B 1 11 ? 9.276   -2.680  -11.780 1.00 10.00 ? 23 DC  B "O4'" 1 
ATOM   457 C "C3'" . DC  B 1 11 ? 9.757   -2.788  -14.087 1.00 10.00 ? 23 DC  B "C3'" 1 
ATOM   458 O "O3'" . DC  B 1 11 ? 10.720  -1.791  -14.405 1.00 10.00 ? 23 DC  B "O3'" 1 
ATOM   459 C "C2'" . DC  B 1 11 ? 10.415  -3.968  -13.377 1.00 10.00 ? 23 DC  B "C2'" 1 
ATOM   460 C "C1'" . DC  B 1 11 ? 10.549  -3.328  -11.985 1.00 10.00 ? 23 DC  B "C1'" 1 
ATOM   461 N N1    . DC  B 1 11 ? 10.946  -4.368  -11.024 1.00 10.00 ? 23 DC  B N1    1 
ATOM   462 C C2    . DC  B 1 11 ? 11.516  -3.966  -9.818  1.00 10.00 ? 23 DC  B C2    1 
ATOM   463 O O2    . DC  B 1 11 ? 11.592  -2.753  -9.599  1.00 10.00 ? 23 DC  B O2    1 
ATOM   464 N N3    . DC  B 1 11 ? 11.892  -4.945  -8.944  1.00 10.00 ? 23 DC  B N3    1 
ATOM   465 C C4    . DC  B 1 11 ? 11.762  -6.272  -9.257  1.00 10.00 ? 23 DC  B C4    1 
ATOM   466 N N4    . DC  B 1 11 ? 12.207  -7.163  -8.360  1.00 10.00 ? 23 DC  B N4    1 
ATOM   467 C C5    . DC  B 1 11 ? 11.207  -6.673  -10.486 1.00 10.00 ? 23 DC  B C5    1 
ATOM   468 C C6    . DC  B 1 11 ? 10.814  -5.698  -11.319 1.00 10.00 ? 23 DC  B C6    1 
ATOM   469 P P     . DG  B 1 12 ? 11.849  -2.076  -15.541 1.00 10.00 ? 24 DG  B P     1 
ATOM   470 O OP1   . DG  B 1 12 ? 11.387  -1.467  -16.809 1.00 10.00 ? 24 DG  B OP1   1 
ATOM   471 O OP2   . DG  B 1 12 ? 12.312  -3.455  -15.704 1.00 10.00 ? 24 DG  B OP2   1 
ATOM   472 O "O5'" . DG  B 1 12 ? 13.112  -1.278  -14.849 1.00 10.00 ? 24 DG  B "O5'" 1 
ATOM   473 C "C5'" . DG  B 1 12 ? 12.939  -0.928  -13.451 1.00 10.00 ? 24 DG  B "C5'" 1 
ATOM   474 C "C4'" . DG  B 1 12 ? 14.095  -0.011  -13.091 1.00 10.00 ? 24 DG  B "C4'" 1 
ATOM   475 O "O4'" . DG  B 1 12 ? 14.463  -0.258  -11.756 1.00 10.00 ? 24 DG  B "O4'" 1 
ATOM   476 C "C3'" . DG  B 1 12 ? 15.331  -0.215  -13.948 1.00 10.00 ? 24 DG  B "C3'" 1 
ATOM   477 O "O3'" . DG  B 1 12 ? 15.752  1.019   -14.572 1.00 10.00 ? 24 DG  B "O3'" 1 
ATOM   478 C "C2'" . DG  B 1 12 ? 16.382  -0.792  -13.019 1.00 10.00 ? 24 DG  B "C2'" 1 
ATOM   479 C "C1'" . DG  B 1 12 ? 15.676  -1.018  -11.697 1.00 10.00 ? 24 DG  B "C1'" 1 
ATOM   480 N N9    . DG  B 1 12 ? 15.413  -2.450  -11.520 1.00 10.00 ? 24 DG  B N9    1 
ATOM   481 C C8    . DG  B 1 12 ? 14.894  -3.309  -12.459 1.00 10.00 ? 24 DG  B C8    1 
ATOM   482 N N7    . DG  B 1 12 ? 14.783  -4.549  -12.041 1.00 10.00 ? 24 DG  B N7    1 
ATOM   483 C C5    . DG  B 1 12 ? 15.274  -4.501  -10.739 1.00 10.00 ? 24 DG  B C5    1 
ATOM   484 C C6    . DG  B 1 12 ? 15.394  -5.513  -9.763  1.00 10.00 ? 24 DG  B C6    1 
ATOM   485 O O6    . DG  B 1 12 ? 15.100  -6.706  -9.861  1.00 10.00 ? 24 DG  B O6    1 
ATOM   486 N N1    . DG  B 1 12 ? 15.924  -5.075  -8.572  1.00 10.00 ? 24 DG  B N1    1 
ATOM   487 C C2    . DG  B 1 12 ? 16.267  -3.777  -8.365  1.00 10.00 ? 24 DG  B C2    1 
ATOM   488 N N2    . DG  B 1 12 ? 16.751  -3.571  -7.137  1.00 10.00 ? 24 DG  B N2    1 
ATOM   489 N N3    . DG  B 1 12 ? 16.184  -2.781  -9.240  1.00 10.00 ? 24 DG  B N3    1 
ATOM   490 C C4    . DG  B 1 12 ? 15.669  -3.219  -10.409 1.00 10.00 ? 24 DG  B C4    1 
HETATM 491 O O     . HOH C 2 .  ? -12.006 -5.072  12.911  1.00 10.00 ? 25 HOH A O     1 
HETATM 492 O O     . HOH C 2 .  ? 15.005  -7.198  -4.329  1.00 10.00 ? 29 HOH A O     1 
HETATM 493 O O     . HOH C 2 .  ? -8.309  0.996   9.076   1.00 10.00 ? 33 HOH A O     1 
HETATM 494 O O     . HOH C 2 .  ? -14.713 -6.045  1.311   1.00 10.00 ? 34 HOH A O     1 
HETATM 495 O O     . HOH C 2 .  ? -12.004 3.682   15.588  1.00 10.00 ? 41 HOH A O     1 
HETATM 496 O O     . HOH C 2 .  ? -7.688  -6.628  0.139   1.00 10.00 ? 43 HOH A O     1 
HETATM 497 O O     . HOH C 2 .  ? -2.008  4.758   -5.669  1.00 10.00 ? 44 HOH A O     1 
HETATM 498 O O     . HOH C 2 .  ? -0.047  8.001   -11.079 1.00 10.00 ? 46 HOH A O     1 
HETATM 499 O O     . HOH C 2 .  ? 14.407  -4.177  3.203   1.00 10.00 ? 48 HOH A O     1 
HETATM 500 O O     . HOH C 2 .  ? 17.014  2.323   2.608   1.00 10.00 ? 49 HOH A O     1 
HETATM 501 O O     . HOH C 2 .  ? -14.517 -0.507  11.021  1.00 10.00 ? 52 HOH A O     1 
HETATM 502 O O     . HOH C 2 .  ? -16.686 -1.663  9.730   1.00 10.00 ? 53 HOH A O     1 
HETATM 503 O O     . HOH C 2 .  ? -10.467 5.983   16.328  1.00 10.00 ? 55 HOH A O     1 
HETATM 504 O O     . HOH C 2 .  ? -17.144 1.704   10.956  1.00 10.00 ? 58 HOH A O     1 
HETATM 505 O O     . HOH C 2 .  ? 4.535   9.156   -5.571  1.00 10.00 ? 63 HOH A O     1 
HETATM 506 O O     . HOH C 2 .  ? 20.686  -11.749 -0.910  1.00 10.00 ? 71 HOH A O     1 
HETATM 507 O O     . HOH D 2 .  ? -17.381 11.818  0.242   1.00 10.00 ? 26 HOH B O     1 
HETATM 508 O O     . HOH D 2 .  ? -13.345 7.944   -0.679  1.00 10.00 ? 27 HOH B O     1 
HETATM 509 O O     . HOH D 2 .  ? 7.742   -7.243  -1.179  1.00 10.00 ? 28 HOH B O     1 
HETATM 510 O O     . HOH D 2 .  ? -19.331 8.193   6.268   1.00 10.00 ? 30 HOH B O     1 
HETATM 511 O O     . HOH D 2 .  ? -12.939 13.299  1.534   1.00 10.00 ? 31 HOH B O     1 
HETATM 512 O O     . HOH D 2 .  ? 7.312   -1.189  9.614   1.00 10.00 ? 32 HOH B O     1 
HETATM 513 O O     . HOH D 2 .  ? 2.265   9.611   8.173   1.00 10.00 ? 35 HOH B O     1 
HETATM 514 O O     . HOH D 2 .  ? -2.907  -5.067  2.140   1.00 10.00 ? 36 HOH B O     1 
HETATM 515 O O     . HOH D 2 .  ? 2.601   -3.634  10.637  1.00 10.00 ? 37 HOH B O     1 
HETATM 516 O O     . HOH D 2 .  ? 4.854   -5.028  6.035   1.00 10.00 ? 38 HOH B O     1 
HETATM 517 O O     . HOH D 2 .  ? 7.048   -2.556  4.348   1.00 10.00 ? 39 HOH B O     1 
HETATM 518 O O     . HOH D 2 .  ? 11.501  0.627   -14.572 1.00 10.00 ? 40 HOH B O     1 
HETATM 519 O O     . HOH D 2 .  ? -6.725  15.131  3.414   1.00 10.00 ? 42 HOH B O     1 
HETATM 520 O O     . HOH D 2 .  ? 7.625   -1.799  2.031   1.00 10.00 ? 45 HOH B O     1 
HETATM 521 O O     . HOH D 2 .  ? 3.330   -1.820  -8.911  1.00 10.00 ? 47 HOH B O     1 
HETATM 522 O O     . HOH D 2 .  ? -4.555  2.915   7.659   1.00 10.00 ? 50 HOH B O     1 
HETATM 523 O O     . HOH D 2 .  ? 7.317   0.998   -18.640 1.00 10.00 ? 51 HOH B O     1 
HETATM 524 O O     . HOH D 2 .  ? -3.505  5.571   8.533   1.00 10.00 ? 54 HOH B O     1 
HETATM 525 O O     . HOH D 2 .  ? -0.952  -11.925 -3.662  1.00 10.00 ? 56 HOH B O     1 
HETATM 526 O O     . HOH D 2 .  ? 5.612   -12.890 -3.040  1.00 10.00 ? 57 HOH B O     1 
HETATM 527 O O     . HOH D 2 .  ? -16.885 10.926  -3.264  1.00 10.00 ? 59 HOH B O     1 
HETATM 528 O O     . HOH D 2 .  ? -10.617 9.091   -1.581  1.00 10.00 ? 60 HOH B O     1 
HETATM 529 O O     . HOH D 2 .  ? 5.476   1.225   11.047  1.00 10.00 ? 61 HOH B O     1 
HETATM 530 O O     . HOH D 2 .  ? 4.108   2.685   8.798   1.00 10.00 ? 62 HOH B O     1 
HETATM 531 O O     . HOH D 2 .  ? 12.196  -5.929  -15.230 1.00 10.00 ? 64 HOH B O     1 
HETATM 532 O O     . HOH D 2 .  ? 10.179  0.783   -16.712 1.00 10.00 ? 65 HOH B O     1 
HETATM 533 O O     . HOH D 2 .  ? -21.677 5.778   4.595   1.00 10.00 ? 66 HOH B O     1 
HETATM 534 O O     . HOH D 2 .  ? -2.356  9.672   -0.176  1.00 10.00 ? 67 HOH B O     1 
HETATM 535 O O     . HOH D 2 .  ? -6.310  11.484  1.377   1.00 10.00 ? 68 HOH B O     1 
HETATM 536 O O     . HOH D 2 .  ? -4.372  8.667   0.459   1.00 10.00 ? 69 HOH B O     1 
HETATM 537 O O     . HOH D 2 .  ? 11.551  -0.204  -11.135 1.00 10.00 ? 70 HOH B O     1 
# 
